data_2F8X
#
_entry.id   2F8X
#
_cell.length_a   273.866
_cell.length_b   273.866
_cell.length_c   121.016
_cell.angle_alpha   90.00
_cell.angle_beta   90.00
_cell.angle_gamma   120.00
#
_symmetry.space_group_name_H-M   'P 63 2 2'
#
loop_
_entity.id
_entity.type
_entity.pdbx_description
1 polymer "5'-D(*GP*TP*TP*AP*CP*TP*GP*TP*GP*GP*GP*AP*AP*AP*GP*AP*AP*A)-3'"
2 polymer "5'-D(*TP*TP*TP*CP*TP*TP*TP*CP*CP*CP*AP*CP*AP*GP*TP*AP*AP*C)-3'"
3 polymer 'Recombining binding protein suppressor of hairless, isoform 4'
4 polymer 'Neurogenic locus notch homolog protein 1'
5 polymer 'Mastermind-like protein 1'
6 water water
#
loop_
_entity_poly.entity_id
_entity_poly.type
_entity_poly.pdbx_seq_one_letter_code
_entity_poly.pdbx_strand_id
1 'polydeoxyribonucleotide' (DG)(DT)(DT)(DA)(DC)(DT)(DG)(DT)(DG)(DG)(DG)(DA)(DA)(DA)(DG)(DA)(DA)(DA) X
2 'polydeoxyribonucleotide' (DT)(DT)(DT)(DC)(DT)(DT)(DT)(DC)(DC)(DC)(DA)(DC)(DA)(DG)(DT)(DA)(DA)(DC) Y
3 'polypeptide(L)'
;MGERPPPKRLTREAMRNYLKERGDQTVLILHAKVAQKSYGNEKRFFCPPPCVYLMGSGWKKKKEQMERDGCSEQESQPCA
FIGIGNSDQEMQQLNLEGKNYCTAKTLYISDSDKRKHFMLSVKMFYGNSDDIGVFLSKRIKVISKPSKKKQSLKNADLCI
ASGTKVALFNRLRSQTVSTRYLHVEGGNFHASSQQWGAFFIHLLDDDESEGEEFTVRDGYIHYGQTVKLVCSVTGMALPR
LIIRKVDKQTALLDADDPVSQLHKCAFYLKDTERMYLCLSQERIIQFQATPCPKEPNKEMINDGASWTIISTDKAEYTFY
EGMGPVLAPVTPVPVVESLQLNGGGDVAMLELTGQNFTPNLRVWFGDVEAETMYRCGESMLCVVPDISAFREGWRWVRQP
VQVPVTLVRNDGIIYSTSLTFTYTPEPGHHHHHH
;
C
4 'polypeptide(L)'
;GMDVNVRGPDGFTPLMIASCSGGGLETGNSEEEEDAPAVISDFIYQGASLHNQTDRTGETALHLAARYSRSDAAKRLLEA
SADANIQDNMGRTPLHAAVSADAQGVFQILIRNRATDLDARMHDGTTPLILAARLAVEGMLEDLINSHADVNAVDDLGKS
ALHWAAAVNNVDAAVVLLKNGANKDMQNNREETPLFLAAREGSYETAKVLLDHFANRDITDHMDRLPRDIAQERMHHDIV
RLLDEYNLVRSPQLHG
;
K
5 'polypeptide(L)' GLPRHSAVMERLRRRIELCRRHHSTCEARYEAVSPERLELERQHTFALHQRCIQAKAKRAGKH M
#
# COMPACT_ATOMS: atom_id res chain seq x y z
N ARG C 4 -10.64 -34.13 -7.78
CA ARG C 4 -9.49 -33.23 -7.52
C ARG C 4 -9.12 -33.19 -6.04
N PRO C 5 -7.81 -33.12 -5.73
CA PRO C 5 -7.29 -33.09 -4.36
C PRO C 5 -7.81 -31.91 -3.53
N PRO C 6 -8.52 -32.20 -2.43
CA PRO C 6 -9.09 -31.20 -1.53
C PRO C 6 -8.05 -30.23 -0.97
N PRO C 7 -8.44 -28.95 -0.77
CA PRO C 7 -7.56 -27.90 -0.24
C PRO C 7 -6.85 -28.40 1.02
N LYS C 8 -5.53 -28.17 1.10
CA LYS C 8 -4.77 -28.61 2.26
C LYS C 8 -4.23 -27.50 3.18
N ARG C 9 -4.52 -27.65 4.46
CA ARG C 9 -4.07 -26.68 5.46
C ARG C 9 -2.56 -26.80 5.54
N LEU C 10 -1.85 -25.68 5.38
CA LEU C 10 -0.40 -25.70 5.45
C LEU C 10 -0.01 -26.33 6.74
N THR C 11 0.98 -27.20 6.68
CA THR C 11 1.41 -27.92 7.86
C THR C 11 2.65 -27.34 8.49
N ARG C 12 2.85 -27.71 9.74
CA ARG C 12 3.98 -27.21 10.47
C ARG C 12 5.26 -27.44 9.65
N GLU C 13 5.42 -28.68 9.20
CA GLU C 13 6.61 -29.06 8.44
C GLU C 13 6.73 -28.27 7.16
N ALA C 14 5.64 -28.10 6.44
CA ALA C 14 5.72 -27.37 5.18
C ALA C 14 6.20 -25.95 5.44
N MET C 15 5.82 -25.39 6.58
CA MET C 15 6.24 -24.04 6.88
C MET C 15 7.73 -24.07 7.11
N ARG C 16 8.20 -25.08 7.84
CA ARG C 16 9.62 -25.11 8.13
C ARG C 16 10.38 -25.15 6.82
N ASN C 17 9.90 -25.95 5.86
CA ASN C 17 10.60 -26.08 4.59
C ASN C 17 10.67 -24.73 3.93
N TYR C 18 9.56 -24.01 3.96
CA TYR C 18 9.53 -22.73 3.30
C TYR C 18 10.50 -21.74 3.92
N LEU C 19 10.54 -21.73 5.24
CA LEU C 19 11.42 -20.84 5.92
C LEU C 19 12.85 -21.14 5.54
N LYS C 20 13.14 -22.42 5.33
CA LYS C 20 14.48 -22.87 4.96
C LYS C 20 14.84 -22.46 3.53
N GLU C 21 14.06 -22.93 2.57
CA GLU C 21 14.30 -22.62 1.15
C GLU C 21 13.91 -21.17 0.86
N ARG C 22 12.60 -20.95 0.76
CA ARG C 22 12.04 -19.62 0.51
C ARG C 22 12.12 -19.17 -0.94
N GLY C 23 11.49 -19.96 -1.81
CA GLY C 23 11.49 -19.64 -3.23
C GLY C 23 10.22 -18.97 -3.70
N ASP C 24 9.95 -17.79 -3.15
CA ASP C 24 8.74 -17.04 -3.47
C ASP C 24 8.56 -16.73 -4.95
N GLN C 25 7.32 -16.60 -5.42
CA GLN C 25 7.10 -16.23 -6.80
C GLN C 25 6.60 -14.82 -6.66
N THR C 26 7.06 -13.90 -7.49
CA THR C 26 6.57 -12.54 -7.36
C THR C 26 6.33 -11.85 -8.69
N VAL C 27 5.12 -11.31 -8.86
CA VAL C 27 4.77 -10.58 -10.08
C VAL C 27 5.22 -9.19 -9.79
N LEU C 28 4.97 -8.22 -10.64
CA LEU C 28 5.52 -6.92 -10.36
C LEU C 28 5.20 -6.00 -11.53
N ILE C 29 4.63 -4.84 -11.27
CA ILE C 29 4.24 -4.00 -12.39
C ILE C 29 4.74 -2.59 -12.31
N LEU C 30 5.61 -2.16 -13.22
CA LEU C 30 6.12 -0.80 -13.23
C LEU C 30 5.36 0.04 -14.23
N HIS C 31 5.06 1.29 -13.87
CA HIS C 31 4.30 2.17 -14.78
C HIS C 31 4.25 3.65 -14.45
N ALA C 32 3.71 4.41 -15.39
CA ALA C 32 3.57 5.85 -15.24
C ALA C 32 2.34 6.12 -14.39
N LYS C 33 2.29 7.29 -13.74
CA LYS C 33 1.15 7.62 -12.90
C LYS C 33 0.10 8.37 -13.68
N VAL C 34 0.49 8.83 -14.85
CA VAL C 34 -0.41 9.59 -15.69
C VAL C 34 -0.62 8.92 -17.05
N ALA C 35 -1.66 9.34 -17.76
CA ALA C 35 -1.94 8.79 -19.07
C ALA C 35 -2.74 9.76 -19.90
N GLN C 36 -2.24 10.02 -21.10
CA GLN C 36 -2.88 10.94 -22.05
C GLN C 36 -4.12 10.27 -22.66
N LYS C 37 -5.29 10.81 -22.37
CA LYS C 37 -6.51 10.21 -22.93
C LYS C 37 -6.48 10.40 -24.42
N SER C 38 -6.94 9.37 -25.14
CA SER C 38 -6.94 9.39 -26.60
C SER C 38 -8.34 9.70 -27.07
N TYR C 39 -8.50 10.66 -28.00
CA TYR C 39 -9.82 11.05 -28.51
C TYR C 39 -10.24 10.41 -29.83
N GLY C 40 -11.48 10.68 -30.27
CA GLY C 40 -11.97 10.12 -31.50
C GLY C 40 -11.64 8.64 -31.65
N ASN C 41 -10.82 8.31 -32.65
CA ASN C 41 -10.38 6.93 -32.89
C ASN C 41 -8.84 6.92 -32.84
N GLU C 42 -8.27 7.94 -32.20
CA GLU C 42 -6.82 8.08 -32.07
C GLU C 42 -6.25 6.89 -31.31
N LYS C 43 -5.06 7.06 -30.78
CA LYS C 43 -4.45 6.01 -30.01
C LYS C 43 -3.12 6.50 -29.49
N ARG C 44 -3.11 7.16 -28.34
CA ARG C 44 -1.87 7.65 -27.76
C ARG C 44 -1.38 6.65 -26.71
N PHE C 45 -0.54 5.73 -27.15
CA PHE C 45 -0.03 4.67 -26.29
C PHE C 45 0.60 5.13 -25.00
N PHE C 46 0.39 4.36 -23.93
CA PHE C 46 0.96 4.68 -22.63
C PHE C 46 2.48 4.64 -22.68
N CYS C 47 3.09 5.80 -22.45
CA CYS C 47 4.53 5.87 -22.44
C CYS C 47 4.96 6.47 -21.11
N PRO C 48 5.86 5.79 -20.40
CA PRO C 48 6.51 4.52 -20.72
C PRO C 48 5.50 3.39 -20.82
N PRO C 49 5.91 2.28 -21.45
CA PRO C 49 5.05 1.11 -21.62
C PRO C 49 5.13 0.27 -20.33
N PRO C 50 3.98 -0.03 -19.73
CA PRO C 50 3.87 -0.81 -18.51
C PRO C 50 4.65 -2.11 -18.58
N CYS C 51 5.76 -2.21 -17.87
CA CYS C 51 6.52 -3.44 -17.88
C CYS C 51 5.91 -4.44 -16.87
N VAL C 52 6.19 -5.73 -17.02
CA VAL C 52 5.66 -6.73 -16.10
C VAL C 52 6.73 -7.75 -15.76
N TYR C 53 7.60 -7.48 -14.80
CA TYR C 53 8.64 -8.47 -14.49
C TYR C 53 8.08 -9.62 -13.66
N LEU C 54 8.74 -10.77 -13.76
CA LEU C 54 8.37 -11.94 -12.98
C LEU C 54 9.63 -12.33 -12.20
N MET C 55 9.92 -11.65 -11.09
CA MET C 55 11.13 -11.97 -10.31
C MET C 55 10.93 -13.17 -9.42
N GLY C 56 12.00 -13.62 -8.78
CA GLY C 56 11.89 -14.73 -7.85
C GLY C 56 12.36 -16.10 -8.30
N SER C 57 13.19 -16.72 -7.49
CA SER C 57 13.69 -18.04 -7.81
C SER C 57 12.55 -19.05 -7.92
N GLY C 58 11.44 -18.74 -7.27
CA GLY C 58 10.28 -19.59 -7.26
C GLY C 58 9.67 -19.92 -8.58
N TRP C 59 9.70 -18.97 -9.51
CA TRP C 59 9.07 -19.17 -10.80
C TRP C 59 9.69 -20.36 -11.52
N LYS C 60 11.00 -20.51 -11.37
CA LYS C 60 11.74 -21.61 -11.97
C LYS C 60 11.38 -22.93 -11.26
N LYS C 61 11.33 -22.89 -9.92
CA LYS C 61 11.02 -24.08 -9.14
C LYS C 61 9.63 -24.54 -9.54
N LYS C 62 8.76 -23.59 -9.84
CA LYS C 62 7.42 -23.92 -10.27
C LYS C 62 7.45 -24.52 -11.67
N LYS C 63 8.36 -24.04 -12.50
CA LYS C 63 8.45 -24.57 -13.85
C LYS C 63 8.89 -26.01 -13.75
N GLU C 64 9.88 -26.26 -12.91
CA GLU C 64 10.37 -27.61 -12.78
C GLU C 64 9.33 -28.52 -12.19
N GLN C 65 8.65 -28.06 -11.15
CA GLN C 65 7.66 -28.90 -10.52
C GLN C 65 6.58 -29.28 -11.51
N MET C 66 6.15 -28.32 -12.33
CA MET C 66 5.09 -28.64 -13.26
C MET C 66 5.52 -29.69 -14.26
N GLU C 67 6.73 -29.56 -14.80
CA GLU C 67 7.23 -30.53 -15.78
C GLU C 67 7.40 -31.92 -15.16
N ARG C 68 8.03 -31.97 -13.98
CA ARG C 68 8.21 -33.22 -13.26
C ARG C 68 6.84 -33.82 -12.96
N ASP C 69 5.84 -33.41 -13.73
CA ASP C 69 4.50 -33.91 -13.58
C ASP C 69 3.83 -34.05 -14.95
N GLY C 70 4.65 -34.03 -15.99
CA GLY C 70 4.16 -34.19 -17.34
C GLY C 70 3.66 -32.95 -18.06
N CYS C 71 4.49 -31.92 -18.15
CA CYS C 71 4.07 -30.71 -18.81
C CYS C 71 5.00 -30.25 -19.94
N SER C 72 4.39 -29.89 -21.07
CA SER C 72 5.12 -29.41 -22.23
C SER C 72 5.91 -28.18 -21.82
N GLU C 73 6.86 -27.77 -22.63
CA GLU C 73 7.61 -26.57 -22.35
C GLU C 73 6.51 -25.52 -22.47
N GLN C 74 5.56 -25.82 -23.36
CA GLN C 74 4.43 -24.96 -23.67
C GLN C 74 3.30 -25.01 -22.65
N GLU C 75 3.28 -26.04 -21.80
CA GLU C 75 2.23 -26.17 -20.78
C GLU C 75 2.58 -25.47 -19.47
N SER C 76 3.87 -25.29 -19.23
CA SER C 76 4.34 -24.63 -18.03
C SER C 76 4.91 -23.24 -18.35
N GLN C 77 4.25 -22.50 -19.22
CA GLN C 77 4.76 -21.19 -19.55
C GLN C 77 3.80 -20.10 -19.06
N PRO C 78 4.23 -19.34 -18.05
CA PRO C 78 3.36 -18.27 -17.54
C PRO C 78 2.86 -17.45 -18.73
N CYS C 79 1.54 -17.27 -18.81
CA CYS C 79 0.95 -16.47 -19.89
C CYS C 79 0.53 -15.16 -19.24
N ALA C 80 -0.06 -14.22 -19.98
CA ALA C 80 -0.39 -12.96 -19.37
C ALA C 80 -1.01 -11.91 -20.26
N PHE C 81 -2.07 -11.28 -19.80
CA PHE C 81 -2.66 -10.23 -20.61
C PHE C 81 -2.76 -8.99 -19.75
N ILE C 82 -2.69 -7.83 -20.38
CA ILE C 82 -2.75 -6.56 -19.67
C ILE C 82 -3.99 -5.83 -20.13
N GLY C 83 -4.61 -5.06 -19.26
CA GLY C 83 -5.81 -4.35 -19.66
C GLY C 83 -6.10 -3.11 -18.83
N ILE C 84 -7.21 -2.46 -19.15
CA ILE C 84 -7.63 -1.26 -18.45
C ILE C 84 -8.80 -1.52 -17.49
N GLY C 85 -8.48 -1.86 -16.24
CA GLY C 85 -9.53 -2.11 -15.27
C GLY C 85 -10.81 -2.64 -15.89
N ASN C 86 -11.95 -2.10 -15.46
CA ASN C 86 -13.24 -2.52 -15.98
C ASN C 86 -13.66 -1.74 -17.23
N SER C 87 -12.98 -1.99 -18.34
CA SER C 87 -13.30 -1.32 -19.60
C SER C 87 -13.72 -2.40 -20.60
N ASP C 88 -14.81 -2.14 -21.33
CA ASP C 88 -15.30 -3.10 -22.32
C ASP C 88 -14.51 -3.08 -23.62
N GLN C 89 -13.22 -3.41 -23.51
CA GLN C 89 -12.34 -3.46 -24.67
C GLN C 89 -11.77 -4.87 -24.79
N GLU C 90 -10.49 -4.97 -25.10
CA GLU C 90 -9.84 -6.27 -25.25
C GLU C 90 -8.48 -6.25 -24.57
N MET C 91 -8.20 -7.25 -23.74
CA MET C 91 -6.92 -7.30 -23.06
C MET C 91 -5.89 -7.70 -24.09
N GLN C 92 -4.72 -7.06 -24.07
CA GLN C 92 -3.66 -7.38 -25.00
C GLN C 92 -2.74 -8.39 -24.35
N GLN C 93 -2.13 -9.26 -25.13
CA GLN C 93 -1.26 -10.28 -24.52
C GLN C 93 0.17 -9.84 -24.46
N LEU C 94 0.87 -10.32 -23.45
CA LEU C 94 2.26 -9.98 -23.31
C LEU C 94 3.01 -11.25 -23.63
N ASN C 95 4.02 -11.16 -24.48
CA ASN C 95 4.82 -12.34 -24.81
C ASN C 95 5.93 -12.52 -23.79
N LEU C 96 5.85 -13.56 -22.97
CA LEU C 96 6.86 -13.78 -21.95
C LEU C 96 7.79 -14.97 -22.23
N GLU C 97 7.78 -15.47 -23.46
CA GLU C 97 8.61 -16.61 -23.83
C GLU C 97 10.10 -16.33 -23.62
N GLY C 98 10.75 -17.16 -22.82
CA GLY C 98 12.17 -16.99 -22.56
C GLY C 98 12.51 -15.75 -21.75
N LYS C 99 11.77 -14.67 -21.99
CA LYS C 99 11.99 -13.42 -21.28
C LYS C 99 11.47 -13.50 -19.84
N ASN C 100 12.07 -12.69 -18.97
CA ASN C 100 11.72 -12.65 -17.56
C ASN C 100 10.75 -11.50 -17.27
N TYR C 101 10.50 -10.68 -18.28
CA TYR C 101 9.62 -9.53 -18.16
C TYR C 101 9.00 -9.28 -19.51
N CYS C 102 8.22 -8.21 -19.64
CA CYS C 102 7.63 -7.87 -20.93
C CYS C 102 6.83 -6.60 -20.83
N THR C 103 7.07 -5.68 -21.76
CA THR C 103 6.40 -4.39 -21.78
C THR C 103 5.08 -4.42 -22.57
N ALA C 104 4.22 -3.44 -22.32
CA ALA C 104 2.94 -3.42 -23.01
C ALA C 104 2.95 -2.23 -23.95
N LYS C 105 3.70 -2.37 -25.03
CA LYS C 105 3.87 -1.28 -25.98
C LYS C 105 2.67 -0.60 -26.64
N THR C 106 1.49 -1.22 -26.67
CA THR C 106 0.39 -0.52 -27.33
C THR C 106 -0.90 -0.29 -26.56
N LEU C 107 -0.77 -0.01 -25.26
CA LEU C 107 -1.93 0.24 -24.39
C LEU C 107 -2.36 1.69 -24.49
N TYR C 108 -3.67 1.92 -24.51
CA TYR C 108 -4.16 3.29 -24.60
C TYR C 108 -5.56 3.41 -24.01
N ILE C 109 -5.95 4.62 -23.66
CA ILE C 109 -7.27 4.84 -23.06
C ILE C 109 -8.11 5.79 -23.89
N SER C 110 -9.20 5.27 -24.46
CA SER C 110 -10.11 6.05 -25.30
C SER C 110 -10.82 7.10 -24.49
N ASP C 111 -11.53 8.02 -25.15
CA ASP C 111 -12.25 9.04 -24.39
C ASP C 111 -13.65 8.53 -24.05
N SER C 112 -13.95 7.32 -24.52
CA SER C 112 -15.24 6.69 -24.28
C SER C 112 -15.35 6.41 -22.79
N ASP C 113 -14.18 6.29 -22.15
CA ASP C 113 -14.02 6.03 -20.72
C ASP C 113 -14.05 7.35 -19.96
N LYS C 114 -15.03 7.51 -19.07
CA LYS C 114 -15.16 8.76 -18.31
C LYS C 114 -14.39 8.82 -16.97
N ARG C 115 -13.82 7.71 -16.53
CA ARG C 115 -13.06 7.66 -15.28
C ARG C 115 -11.88 8.61 -15.18
N LYS C 116 -11.67 9.17 -13.99
CA LYS C 116 -10.59 10.11 -13.75
C LYS C 116 -9.35 9.27 -13.53
N HIS C 117 -9.56 8.06 -13.06
CA HIS C 117 -8.46 7.15 -12.79
C HIS C 117 -8.84 5.77 -13.22
N PHE C 118 -7.87 4.87 -13.12
CA PHE C 118 -8.03 3.48 -13.48
C PHE C 118 -6.71 2.85 -13.11
N MET C 119 -6.67 1.53 -13.12
CA MET C 119 -5.43 0.85 -12.85
C MET C 119 -5.37 -0.29 -13.85
N LEU C 120 -4.16 -0.63 -14.27
CA LEU C 120 -3.96 -1.69 -15.23
C LEU C 120 -4.25 -3.02 -14.59
N SER C 121 -4.92 -3.87 -15.36
CA SER C 121 -5.24 -5.21 -14.91
C SER C 121 -4.31 -6.16 -15.67
N VAL C 122 -3.66 -7.05 -14.96
CA VAL C 122 -2.78 -8.01 -15.61
C VAL C 122 -3.23 -9.40 -15.25
N LYS C 123 -4.01 -10.04 -16.15
CA LYS C 123 -4.52 -11.39 -15.95
C LYS C 123 -3.34 -12.31 -16.19
N MET C 124 -3.30 -13.48 -15.58
CA MET C 124 -2.11 -14.27 -15.78
C MET C 124 -2.24 -15.71 -15.30
N PHE C 125 -2.07 -16.65 -16.22
CA PHE C 125 -2.17 -18.08 -15.95
C PHE C 125 -1.04 -18.85 -16.62
N TYR C 126 -0.95 -20.14 -16.35
CA TYR C 126 0.08 -20.97 -16.98
C TYR C 126 -0.47 -21.54 -18.30
N GLY C 127 0.40 -22.12 -19.11
CA GLY C 127 0.00 -22.68 -20.39
C GLY C 127 -1.20 -23.61 -20.36
N ASN C 128 -1.21 -24.53 -19.39
CA ASN C 128 -2.30 -25.48 -19.28
C ASN C 128 -3.48 -24.89 -18.57
N SER C 129 -3.77 -23.62 -18.82
CA SER C 129 -4.89 -22.96 -18.17
C SER C 129 -4.95 -23.09 -16.63
N ASP C 130 -3.84 -23.48 -16.01
CA ASP C 130 -3.79 -23.54 -14.56
C ASP C 130 -3.85 -22.05 -14.24
N ASP C 131 -4.50 -21.65 -13.15
CA ASP C 131 -4.59 -20.23 -12.87
C ASP C 131 -3.59 -19.67 -11.87
N ILE C 132 -3.10 -18.47 -12.17
CA ILE C 132 -2.12 -17.79 -11.34
C ILE C 132 -2.81 -16.68 -10.57
N GLY C 133 -3.43 -15.74 -11.28
CA GLY C 133 -4.11 -14.69 -10.56
C GLY C 133 -4.32 -13.45 -11.39
N VAL C 134 -4.67 -12.34 -10.75
CA VAL C 134 -4.87 -11.09 -11.46
C VAL C 134 -4.27 -10.00 -10.65
N PHE C 135 -3.18 -9.44 -11.11
CA PHE C 135 -2.55 -8.39 -10.35
C PHE C 135 -2.79 -7.06 -11.03
N LEU C 136 -2.97 -6.00 -10.24
CA LEU C 136 -3.20 -4.66 -10.79
C LEU C 136 -2.17 -3.62 -10.40
N SER C 137 -2.03 -2.63 -11.26
CA SER C 137 -1.09 -1.57 -11.04
C SER C 137 -1.69 -0.55 -10.09
N LYS C 138 -0.82 0.31 -9.55
CA LYS C 138 -1.28 1.36 -8.68
C LYS C 138 -2.11 2.26 -9.59
N ARG C 139 -3.06 2.99 -9.04
CA ARG C 139 -3.91 3.84 -9.85
C ARG C 139 -3.13 4.76 -10.74
N ILE C 140 -3.75 5.08 -11.88
CA ILE C 140 -3.17 5.95 -12.88
C ILE C 140 -4.18 7.05 -13.20
N LYS C 141 -3.74 8.30 -13.23
CA LYS C 141 -4.68 9.40 -13.53
C LYS C 141 -4.72 9.74 -15.01
N VAL C 142 -5.92 10.04 -15.48
CA VAL C 142 -6.18 10.42 -16.86
C VAL C 142 -6.07 11.92 -17.01
N ILE C 143 -5.35 12.38 -18.04
CA ILE C 143 -5.24 13.82 -18.27
C ILE C 143 -5.56 14.10 -19.72
N SER C 144 -6.36 15.13 -19.97
CA SER C 144 -6.78 15.46 -21.34
C SER C 144 -5.69 16.05 -22.20
N LYS C 145 -4.56 16.35 -21.57
CA LYS C 145 -3.42 16.91 -22.27
C LYS C 145 -2.54 17.50 -21.19
N PRO C 146 -1.21 17.38 -21.34
CA PRO C 146 -0.36 17.96 -20.30
C PRO C 146 -0.60 19.47 -20.22
N SER C 147 -0.31 20.05 -19.07
CA SER C 147 -0.49 21.49 -18.88
C SER C 147 0.83 22.22 -19.05
N LYS C 148 1.02 22.82 -20.23
CA LYS C 148 2.25 23.56 -20.53
C LYS C 148 2.14 24.95 -19.91
N LYS C 149 0.95 25.27 -19.41
CA LYS C 149 0.70 26.55 -18.77
C LYS C 149 1.36 26.61 -17.40
N LYS C 150 0.81 27.43 -16.53
CA LYS C 150 1.34 27.60 -15.19
C LYS C 150 0.75 26.55 -14.25
N GLN C 151 1.54 26.13 -13.27
CA GLN C 151 1.11 25.13 -12.29
C GLN C 151 1.38 25.57 -10.86
N SER C 152 0.31 25.79 -10.11
CA SER C 152 0.41 26.21 -8.71
C SER C 152 0.80 25.00 -7.86
N LEU C 153 0.96 25.21 -6.55
CA LEU C 153 1.34 24.12 -5.65
C LEU C 153 0.18 23.62 -4.79
N LYS C 154 -1.03 23.74 -5.32
CA LYS C 154 -2.23 23.29 -4.62
C LYS C 154 -2.77 22.02 -5.25
N ASN C 155 -2.64 21.91 -6.57
CA ASN C 155 -3.11 20.74 -7.30
C ASN C 155 -1.93 19.83 -7.59
N ALA C 156 -1.32 19.29 -6.54
CA ALA C 156 -0.18 18.41 -6.68
C ALA C 156 -0.58 17.09 -7.34
N ASP C 157 0.15 16.03 -7.01
CA ASP C 157 -0.10 14.70 -7.57
C ASP C 157 0.40 14.80 -9.02
N LEU C 158 0.60 16.04 -9.46
CA LEU C 158 1.07 16.34 -10.80
C LEU C 158 2.46 16.98 -10.77
N CYS C 159 3.04 17.09 -9.59
CA CYS C 159 4.36 17.70 -9.46
C CYS C 159 5.36 16.69 -8.96
N ILE C 160 6.44 16.50 -9.70
CA ILE C 160 7.46 15.57 -9.26
C ILE C 160 7.82 16.07 -7.89
N ALA C 161 8.24 15.19 -6.99
CA ALA C 161 8.61 15.60 -5.65
C ALA C 161 9.88 14.87 -5.21
N SER C 162 10.85 15.61 -4.68
CA SER C 162 12.09 14.96 -4.27
C SER C 162 11.79 13.68 -3.51
N GLY C 163 12.27 12.57 -4.07
CA GLY C 163 12.05 11.27 -3.46
C GLY C 163 11.38 10.29 -4.41
N THR C 164 10.32 10.73 -5.08
CA THR C 164 9.59 9.89 -6.02
C THR C 164 10.51 9.44 -7.15
N LYS C 165 9.94 8.72 -8.12
CA LYS C 165 10.70 8.23 -9.26
C LYS C 165 10.10 8.75 -10.56
N VAL C 166 10.88 8.69 -11.62
CA VAL C 166 10.42 9.16 -12.91
C VAL C 166 11.13 8.49 -14.08
N ALA C 167 10.49 8.55 -15.23
CA ALA C 167 11.05 7.98 -16.44
C ALA C 167 11.32 9.14 -17.38
N LEU C 168 12.34 8.99 -18.21
CA LEU C 168 12.75 10.04 -19.16
C LEU C 168 12.91 9.50 -20.57
N PHE C 169 12.17 10.08 -21.51
CA PHE C 169 12.25 9.61 -22.88
C PHE C 169 12.31 10.72 -23.91
N ASN C 170 13.02 10.45 -25.01
CA ASN C 170 13.19 11.40 -26.12
C ASN C 170 12.41 10.96 -27.37
N ARG C 171 11.72 11.91 -28.01
CA ARG C 171 10.92 11.61 -29.20
C ARG C 171 11.43 12.31 -30.49
N LEU C 172 12.15 11.54 -31.31
CA LEU C 172 12.71 12.04 -32.57
C LEU C 172 11.68 12.36 -33.66
N ARG C 173 11.60 13.64 -33.98
CA ARG C 173 10.74 14.15 -35.05
C ARG C 173 9.26 13.79 -35.05
N SER C 174 8.72 13.33 -33.92
CA SER C 174 7.30 13.01 -33.83
C SER C 174 6.95 11.60 -34.36
N GLN C 175 7.91 10.68 -34.24
CA GLN C 175 7.71 9.32 -34.71
C GLN C 175 7.73 8.24 -33.64
N THR C 176 6.56 7.76 -33.28
CA THR C 176 6.42 6.75 -32.23
C THR C 176 7.46 5.64 -32.21
N VAL C 177 8.07 5.38 -33.37
CA VAL C 177 9.07 4.32 -33.49
C VAL C 177 10.48 4.72 -33.06
N SER C 178 10.68 6.00 -32.81
CA SER C 178 11.97 6.53 -32.40
C SER C 178 12.17 6.47 -30.89
N THR C 179 11.13 6.88 -30.15
CA THR C 179 11.11 6.92 -28.70
C THR C 179 12.12 6.01 -27.97
N ARG C 180 13.00 6.64 -27.20
CA ARG C 180 14.03 5.95 -26.43
C ARG C 180 13.94 6.47 -24.99
N TYR C 181 14.17 5.59 -24.02
CA TYR C 181 14.08 5.97 -22.60
C TYR C 181 15.43 5.86 -21.93
N LEU C 182 15.74 6.79 -21.04
CA LEU C 182 17.01 6.71 -20.35
C LEU C 182 16.96 5.39 -19.58
N HIS C 183 17.90 4.50 -19.86
CA HIS C 183 17.97 3.20 -19.19
C HIS C 183 19.39 3.00 -18.68
N VAL C 184 19.70 1.81 -18.19
CA VAL C 184 21.03 1.51 -17.68
C VAL C 184 21.36 0.03 -17.68
N GLU C 185 22.54 -0.30 -18.19
CA GLU C 185 23.02 -1.68 -18.26
C GLU C 185 24.54 -1.67 -18.42
N GLY C 186 25.20 -2.69 -17.89
CA GLY C 186 26.65 -2.77 -18.01
C GLY C 186 27.35 -1.67 -17.23
N GLY C 187 26.60 -0.99 -16.36
CA GLY C 187 27.19 0.07 -15.55
C GLY C 187 27.05 1.49 -16.07
N ASN C 188 26.69 1.66 -17.34
CA ASN C 188 26.55 3.00 -17.90
C ASN C 188 25.14 3.30 -18.41
N PHE C 189 24.88 4.58 -18.70
CA PHE C 189 23.58 5.05 -19.16
C PHE C 189 23.32 4.95 -20.67
N HIS C 190 22.39 4.06 -21.04
CA HIS C 190 22.01 3.85 -22.44
C HIS C 190 20.87 4.79 -22.77
N ALA C 191 20.16 4.49 -23.85
CA ALA C 191 19.01 5.30 -24.25
C ALA C 191 18.09 4.39 -25.04
N SER C 192 18.09 3.12 -24.64
CA SER C 192 17.28 2.09 -25.28
C SER C 192 15.88 2.54 -25.68
N SER C 193 15.40 1.97 -26.78
CA SER C 193 14.08 2.27 -27.27
C SER C 193 13.37 0.96 -27.00
N GLN C 194 13.98 0.16 -26.12
CA GLN C 194 13.44 -1.14 -25.73
C GLN C 194 12.95 -1.12 -24.28
N GLN C 195 13.87 -0.93 -23.34
CA GLN C 195 13.53 -0.90 -21.92
C GLN C 195 13.53 0.54 -21.40
N TRP C 196 13.15 0.71 -20.14
CA TRP C 196 13.14 2.02 -19.52
C TRP C 196 13.28 1.88 -18.03
N GLY C 197 14.10 2.75 -17.45
CA GLY C 197 14.35 2.72 -16.02
C GLY C 197 13.65 3.81 -15.24
N ALA C 198 13.43 3.53 -13.96
CA ALA C 198 12.78 4.46 -13.05
C ALA C 198 13.90 5.10 -12.25
N PHE C 199 13.86 6.42 -12.14
CA PHE C 199 14.92 7.12 -11.43
C PHE C 199 14.49 7.96 -10.25
N PHE C 200 15.27 7.85 -9.17
CA PHE C 200 15.04 8.63 -7.98
C PHE C 200 15.48 10.02 -8.39
N ILE C 201 14.65 11.02 -8.15
CA ILE C 201 14.99 12.37 -8.50
C ILE C 201 15.03 13.21 -7.23
N HIS C 202 16.19 13.19 -6.59
CA HIS C 202 16.41 13.92 -5.35
C HIS C 202 16.69 15.40 -5.59
N LEU C 203 16.09 16.25 -4.76
CA LEU C 203 16.26 17.69 -4.84
C LEU C 203 17.44 18.09 -3.95
N LEU C 204 18.20 19.09 -4.39
CA LEU C 204 19.35 19.54 -3.62
C LEU C 204 19.36 21.05 -3.45
N ASP C 205 19.94 21.52 -2.35
CA ASP C 205 20.04 22.95 -2.09
C ASP C 205 21.29 23.46 -2.82
N ASP C 206 21.13 24.54 -3.56
CA ASP C 206 22.22 25.15 -4.34
C ASP C 206 23.61 24.98 -3.73
N ASP C 207 23.69 25.06 -2.40
CA ASP C 207 24.97 24.91 -1.70
C ASP C 207 25.31 23.44 -1.51
N GLU C 208 25.22 22.65 -2.58
CA GLU C 208 25.52 21.22 -2.49
C GLU C 208 26.94 20.85 -2.88
N SER C 209 27.40 19.73 -2.33
CA SER C 209 28.76 19.24 -2.55
C SER C 209 29.09 18.56 -3.87
N GLU C 210 29.89 17.49 -3.76
CA GLU C 210 30.37 16.71 -4.90
C GLU C 210 29.55 15.51 -5.35
N GLY C 211 29.90 14.32 -4.88
CA GLY C 211 29.19 13.11 -5.27
C GLY C 211 28.32 12.45 -4.22
N GLU C 212 28.36 11.12 -4.19
CA GLU C 212 27.56 10.33 -3.25
C GLU C 212 27.66 10.79 -1.79
N GLU C 213 26.94 10.10 -0.91
CA GLU C 213 26.93 10.41 0.52
C GLU C 213 26.42 11.83 0.81
N PHE C 214 25.73 12.41 -0.17
CA PHE C 214 25.16 13.75 -0.03
C PHE C 214 23.85 13.65 0.73
N THR C 215 23.25 14.80 1.05
CA THR C 215 21.98 14.78 1.77
C THR C 215 20.87 15.41 0.94
N VAL C 216 19.76 14.69 0.82
CA VAL C 216 18.61 15.14 0.06
C VAL C 216 17.61 15.84 0.97
N ARG C 217 16.88 16.81 0.42
CA ARG C 217 15.91 17.55 1.22
C ARG C 217 14.52 17.52 0.58
N ASP C 218 13.50 17.29 1.40
CA ASP C 218 12.12 17.24 0.96
C ASP C 218 11.76 18.39 0.03
N GLY C 219 10.56 18.36 -0.52
CA GLY C 219 10.14 19.42 -1.41
C GLY C 219 9.89 19.02 -2.84
N TYR C 220 8.91 19.69 -3.45
CA TYR C 220 8.54 19.45 -4.85
C TYR C 220 9.60 20.07 -5.72
N ILE C 221 9.67 19.66 -6.98
CA ILE C 221 10.69 20.17 -7.88
C ILE C 221 10.25 21.12 -8.97
N HIS C 222 10.89 22.30 -8.98
CA HIS C 222 10.66 23.37 -9.96
C HIS C 222 11.99 23.54 -10.69
N TYR C 223 11.92 24.06 -11.92
CA TYR C 223 13.14 24.24 -12.70
C TYR C 223 14.09 25.23 -12.03
N GLY C 224 15.38 24.96 -12.16
CA GLY C 224 16.37 25.85 -11.57
C GLY C 224 17.09 25.19 -10.40
N GLN C 225 16.48 24.19 -9.80
CA GLN C 225 17.10 23.50 -8.68
C GLN C 225 18.13 22.48 -9.13
N THR C 226 18.95 22.05 -8.19
CA THR C 226 20.00 21.07 -8.50
C THR C 226 19.49 19.70 -8.09
N VAL C 227 19.17 18.87 -9.08
CA VAL C 227 18.65 17.53 -8.84
C VAL C 227 19.67 16.45 -9.17
N LYS C 228 19.53 15.29 -8.54
CA LYS C 228 20.44 14.19 -8.79
C LYS C 228 19.65 12.91 -9.08
N LEU C 229 19.77 12.41 -10.31
CA LEU C 229 19.07 11.20 -10.77
C LEU C 229 19.82 9.92 -10.48
N VAL C 230 19.16 8.97 -9.85
CA VAL C 230 19.79 7.69 -9.50
C VAL C 230 18.98 6.50 -10.02
N CYS C 231 19.67 5.49 -10.51
CA CYS C 231 18.99 4.29 -10.99
C CYS C 231 18.48 3.50 -9.80
N SER C 232 17.18 3.36 -9.74
CA SER C 232 16.50 2.63 -8.66
C SER C 232 16.92 1.18 -8.51
N VAL C 233 17.49 0.61 -9.58
CA VAL C 233 17.91 -0.78 -9.54
C VAL C 233 19.42 -0.94 -9.41
N THR C 234 20.16 -0.53 -10.46
CA THR C 234 21.62 -0.65 -10.47
C THR C 234 22.27 0.21 -9.40
N GLY C 235 21.87 1.48 -9.36
CA GLY C 235 22.43 2.39 -8.37
C GLY C 235 23.23 3.51 -9.02
N MET C 236 23.87 3.20 -10.15
CA MET C 236 24.66 4.18 -10.87
C MET C 236 23.82 5.44 -11.06
N ALA C 237 24.41 6.60 -10.80
CA ALA C 237 23.67 7.86 -10.94
C ALA C 237 24.40 8.94 -11.73
N LEU C 238 23.62 9.85 -12.29
CA LEU C 238 24.13 10.95 -13.08
C LEU C 238 24.65 12.08 -12.20
N PRO C 239 25.84 12.61 -12.50
CA PRO C 239 26.41 13.70 -11.70
C PRO C 239 25.43 14.87 -11.69
N ARG C 240 25.39 15.58 -10.55
CA ARG C 240 24.51 16.74 -10.34
C ARG C 240 24.00 17.41 -11.62
N LEU C 241 22.77 17.91 -11.60
CA LEU C 241 22.20 18.58 -12.78
C LEU C 241 21.14 19.61 -12.39
N ILE C 242 20.74 20.43 -13.36
CA ILE C 242 19.71 21.43 -13.11
C ILE C 242 18.66 21.34 -14.20
N ILE C 243 17.48 20.86 -13.83
CA ILE C 243 16.39 20.70 -14.79
C ILE C 243 15.81 22.03 -15.23
N ARG C 244 15.95 22.32 -16.51
CA ARG C 244 15.44 23.57 -17.06
C ARG C 244 14.26 23.35 -18.01
N LYS C 245 13.19 24.11 -17.76
CA LYS C 245 11.98 24.06 -18.57
C LYS C 245 12.38 24.45 -19.97
N VAL C 246 11.85 23.77 -20.99
CA VAL C 246 12.22 24.10 -22.36
C VAL C 246 11.00 24.32 -23.25
N ASP C 247 11.25 24.79 -24.47
CA ASP C 247 10.21 25.04 -25.46
C ASP C 247 10.85 25.65 -26.69
N LYS C 248 10.33 25.29 -27.87
CA LYS C 248 10.84 25.80 -29.13
C LYS C 248 12.37 25.68 -29.23
N GLN C 249 12.90 24.58 -28.73
CA GLN C 249 14.34 24.30 -28.78
C GLN C 249 15.20 25.21 -27.91
N THR C 250 14.58 25.95 -27.00
CA THR C 250 15.30 26.86 -26.12
C THR C 250 15.30 26.42 -24.67
N ALA C 251 16.49 26.21 -24.12
CA ALA C 251 16.63 25.80 -22.74
C ALA C 251 16.77 27.00 -21.81
N LEU C 252 15.63 27.52 -21.33
CA LEU C 252 15.62 28.68 -20.44
C LEU C 252 16.49 28.54 -19.19
N LEU C 253 16.88 29.68 -18.62
CA LEU C 253 17.71 29.73 -17.42
C LEU C 253 16.91 30.44 -16.31
N ASP C 254 16.09 31.39 -16.74
CA ASP C 254 15.23 32.16 -15.83
C ASP C 254 13.84 31.53 -15.84
N ALA C 255 13.67 30.51 -15.02
CA ALA C 255 12.40 29.80 -14.90
C ALA C 255 12.30 29.21 -13.50
N ASP C 256 11.29 29.64 -12.75
CA ASP C 256 11.08 29.17 -11.38
C ASP C 256 9.96 28.13 -11.33
N ASP C 257 9.08 28.17 -12.32
CA ASP C 257 7.95 27.26 -12.42
C ASP C 257 8.29 25.86 -11.92
N PRO C 258 7.35 25.21 -11.22
CA PRO C 258 7.56 23.85 -10.72
C PRO C 258 7.40 22.83 -11.85
N VAL C 259 8.31 21.89 -11.94
CA VAL C 259 8.27 20.86 -12.97
C VAL C 259 7.01 20.04 -12.84
N SER C 260 6.32 19.84 -13.95
CA SER C 260 5.08 19.06 -13.95
C SER C 260 5.21 17.72 -14.64
N GLN C 261 4.08 17.05 -14.82
CA GLN C 261 4.03 15.75 -15.45
C GLN C 261 4.07 15.91 -16.98
N LEU C 262 4.85 15.06 -17.65
CA LEU C 262 4.97 15.10 -19.11
C LEU C 262 5.41 16.48 -19.56
N HIS C 263 6.45 17.00 -18.93
CA HIS C 263 6.98 18.30 -19.26
C HIS C 263 8.34 18.16 -19.92
N LYS C 264 8.47 18.68 -21.13
CA LYS C 264 9.75 18.62 -21.82
C LYS C 264 10.70 19.53 -21.04
N CYS C 265 11.89 19.03 -20.75
CA CYS C 265 12.87 19.82 -20.00
C CYS C 265 14.28 19.32 -20.28
N ALA C 266 15.26 20.23 -20.23
CA ALA C 266 16.65 19.87 -20.47
C ALA C 266 17.37 19.74 -19.15
N PHE C 267 18.43 18.95 -19.13
CA PHE C 267 19.19 18.74 -17.90
C PHE C 267 20.61 19.30 -17.99
N TYR C 268 20.84 20.41 -17.31
CA TYR C 268 22.16 21.06 -17.29
C TYR C 268 23.06 20.35 -16.29
N LEU C 269 24.36 20.32 -16.60
CA LEU C 269 25.34 19.64 -15.75
C LEU C 269 25.89 20.43 -14.56
N LYS C 270 26.89 19.83 -13.91
CA LYS C 270 27.54 20.41 -12.73
C LYS C 270 28.41 21.62 -13.04
N ASP C 271 27.80 22.68 -13.55
CA ASP C 271 28.53 23.90 -13.88
C ASP C 271 29.84 23.60 -14.62
N THR C 272 29.83 22.60 -15.48
CA THR C 272 31.04 22.28 -16.24
C THR C 272 31.33 23.52 -17.08
N GLU C 273 30.27 24.05 -17.67
CA GLU C 273 30.31 25.26 -18.49
C GLU C 273 28.87 25.60 -18.85
N ARG C 274 28.36 24.93 -19.88
CA ARG C 274 26.99 25.11 -20.34
C ARG C 274 26.61 23.83 -21.06
N MET C 275 27.34 22.76 -20.74
CA MET C 275 27.12 21.45 -21.32
C MET C 275 25.84 20.81 -20.78
N TYR C 276 25.13 20.11 -21.65
CA TYR C 276 23.90 19.45 -21.27
C TYR C 276 24.00 17.94 -21.36
N LEU C 277 22.84 17.30 -21.24
CA LEU C 277 22.73 15.85 -21.33
C LEU C 277 21.83 15.61 -22.53
N CYS C 278 22.37 14.94 -23.54
CA CYS C 278 21.63 14.70 -24.77
C CYS C 278 21.71 13.26 -25.29
N LEU C 279 20.81 12.95 -26.21
CA LEU C 279 20.72 11.64 -26.85
C LEU C 279 21.03 11.81 -28.33
N SER C 280 22.04 11.09 -28.82
CA SER C 280 22.43 11.18 -30.22
C SER C 280 21.94 9.96 -31.00
N GLN C 281 20.62 9.83 -31.08
CA GLN C 281 19.98 8.72 -31.79
C GLN C 281 20.72 7.39 -31.59
N GLU C 282 21.47 7.30 -30.50
CA GLU C 282 22.25 6.11 -30.17
C GLU C 282 22.37 5.99 -28.66
N ARG C 283 23.40 6.61 -28.10
CA ARG C 283 23.65 6.58 -26.66
C ARG C 283 23.76 7.99 -26.08
N ILE C 284 24.07 8.06 -24.79
CA ILE C 284 24.18 9.34 -24.10
C ILE C 284 25.59 9.90 -24.09
N ILE C 285 25.75 11.07 -24.71
CA ILE C 285 27.05 11.73 -24.77
C ILE C 285 26.95 13.24 -24.50
N GLN C 286 28.07 13.81 -24.10
CA GLN C 286 28.21 15.23 -23.78
C GLN C 286 27.62 16.15 -24.84
N PHE C 287 27.61 17.44 -24.55
CA PHE C 287 27.11 18.46 -25.46
C PHE C 287 27.44 19.86 -24.93
N GLN C 288 27.10 20.89 -25.68
CA GLN C 288 27.40 22.26 -25.26
C GLN C 288 26.28 23.25 -25.60
N ALA C 289 25.52 22.97 -26.66
CA ALA C 289 24.44 23.87 -27.07
C ALA C 289 25.01 25.21 -27.46
N THR C 290 25.64 25.26 -28.63
CA THR C 290 26.27 26.47 -29.14
C THR C 290 25.39 27.72 -29.05
N PRO C 291 24.28 27.78 -29.82
CA PRO C 291 23.40 28.96 -29.78
C PRO C 291 23.17 29.53 -28.38
N CYS C 292 23.18 30.86 -28.30
CA CYS C 292 22.98 31.58 -27.05
C CYS C 292 22.41 32.98 -27.33
N PRO C 293 22.93 33.68 -28.36
CA PRO C 293 22.49 35.03 -28.74
C PRO C 293 21.01 35.19 -29.11
N LYS C 294 20.16 35.08 -28.11
CA LYS C 294 18.71 35.25 -28.27
C LYS C 294 18.32 36.09 -27.05
N GLU C 295 19.11 35.90 -25.99
CA GLU C 295 18.97 36.60 -24.71
C GLU C 295 19.93 35.93 -23.74
N PRO C 296 20.34 36.64 -22.67
CA PRO C 296 21.26 36.05 -21.69
C PRO C 296 20.62 34.93 -20.87
N ASN C 297 19.32 34.71 -21.08
CA ASN C 297 18.58 33.69 -20.34
C ASN C 297 17.63 32.86 -21.21
N LYS C 298 18.13 32.32 -22.31
CA LYS C 298 17.32 31.51 -23.22
C LYS C 298 18.22 30.75 -24.20
N GLU C 299 19.15 29.96 -23.64
CA GLU C 299 20.09 29.17 -24.44
C GLU C 299 19.40 28.17 -25.33
N MET C 300 19.50 28.36 -26.65
CA MET C 300 18.89 27.42 -27.59
C MET C 300 19.66 26.10 -27.48
N ILE C 301 18.95 25.00 -27.72
CA ILE C 301 19.54 23.67 -27.62
C ILE C 301 19.23 22.79 -28.83
N ASN C 302 20.13 21.84 -29.11
CA ASN C 302 19.97 20.92 -30.25
C ASN C 302 19.03 19.76 -29.94
N ASP C 303 18.02 19.57 -30.78
CA ASP C 303 17.03 18.51 -30.63
C ASP C 303 17.67 17.16 -30.35
N GLY C 304 17.58 16.72 -29.10
CA GLY C 304 18.16 15.45 -28.72
C GLY C 304 18.42 15.40 -27.22
N ALA C 305 18.09 16.49 -26.54
CA ALA C 305 18.27 16.57 -25.10
C ALA C 305 17.05 17.18 -24.44
N SER C 306 15.95 17.24 -25.20
CA SER C 306 14.70 17.77 -24.68
C SER C 306 13.87 16.59 -24.21
N TRP C 307 14.33 15.96 -23.14
CA TRP C 307 13.65 14.79 -22.59
C TRP C 307 12.25 15.11 -22.05
N THR C 308 11.51 14.04 -21.78
CA THR C 308 10.18 14.16 -21.21
C THR C 308 10.23 13.52 -19.83
N ILE C 309 9.71 14.25 -18.85
CA ILE C 309 9.68 13.80 -17.47
C ILE C 309 8.29 13.28 -17.18
N ILE C 310 8.24 12.12 -16.54
CA ILE C 310 7.00 11.47 -16.18
C ILE C 310 7.29 10.70 -14.89
N SER C 311 6.40 10.84 -13.91
CA SER C 311 6.59 10.19 -12.62
C SER C 311 6.16 8.75 -12.70
N THR C 312 6.82 7.90 -11.93
CA THR C 312 6.56 6.47 -11.97
C THR C 312 6.25 5.76 -10.67
N ASP C 313 5.44 4.70 -10.77
CA ASP C 313 5.16 3.92 -9.58
C ASP C 313 5.44 2.45 -9.87
N LYS C 314 5.22 1.61 -8.87
CA LYS C 314 5.48 0.19 -9.00
C LYS C 314 4.63 -0.65 -8.07
N ALA C 315 3.82 -1.54 -8.63
CA ALA C 315 2.98 -2.44 -7.85
C ALA C 315 3.77 -3.75 -7.75
N GLU C 316 3.77 -4.40 -6.59
CA GLU C 316 4.55 -5.62 -6.43
C GLU C 316 3.90 -6.66 -5.53
N TYR C 317 3.64 -7.86 -6.06
CA TYR C 317 3.04 -8.94 -5.25
C TYR C 317 3.92 -10.18 -5.23
N THR C 318 3.90 -10.91 -4.12
CA THR C 318 4.73 -12.10 -4.05
C THR C 318 4.07 -13.22 -3.22
N PHE C 319 4.08 -14.43 -3.76
CA PHE C 319 3.44 -15.58 -3.12
C PHE C 319 4.24 -16.87 -3.17
N TYR C 320 3.66 -17.96 -2.69
CA TYR C 320 4.36 -19.23 -2.69
C TYR C 320 3.36 -20.38 -2.54
N GLU C 321 3.51 -21.44 -3.35
CA GLU C 321 2.57 -22.57 -3.31
C GLU C 321 2.82 -23.60 -2.22
N GLY C 322 3.20 -23.14 -1.04
CA GLY C 322 3.47 -24.01 0.10
C GLY C 322 2.81 -25.37 0.30
N MET C 323 1.75 -25.69 -0.42
CA MET C 323 1.17 -27.03 -0.31
C MET C 323 0.84 -27.53 -1.69
N GLY C 324 1.66 -27.13 -2.65
CA GLY C 324 1.46 -27.55 -4.02
C GLY C 324 0.32 -26.81 -4.67
N PRO C 325 0.04 -27.12 -5.94
CA PRO C 325 -1.03 -26.51 -6.73
C PRO C 325 -2.30 -26.33 -5.91
N VAL C 326 -3.06 -25.31 -6.28
CA VAL C 326 -4.31 -24.98 -5.59
C VAL C 326 -5.42 -24.67 -6.60
N LEU C 327 -6.63 -25.07 -6.27
CA LEU C 327 -7.78 -24.90 -7.17
C LEU C 327 -7.99 -23.45 -7.59
N ALA C 328 -7.75 -22.52 -6.66
CA ALA C 328 -7.97 -21.09 -6.90
C ALA C 328 -6.71 -20.32 -7.28
N PRO C 329 -6.86 -19.03 -7.53
CA PRO C 329 -5.73 -18.16 -7.90
C PRO C 329 -5.08 -17.71 -6.62
N VAL C 330 -3.83 -17.25 -6.71
CA VAL C 330 -3.14 -16.79 -5.51
C VAL C 330 -3.50 -15.32 -5.23
N THR C 331 -4.09 -14.70 -6.24
CA THR C 331 -4.55 -13.33 -6.17
C THR C 331 -5.86 -13.44 -5.39
N PRO C 332 -6.23 -12.41 -4.59
CA PRO C 332 -5.61 -11.12 -4.28
C PRO C 332 -4.57 -11.34 -3.19
N VAL C 333 -3.43 -10.69 -3.36
CA VAL C 333 -2.31 -10.84 -2.45
C VAL C 333 -2.30 -9.84 -1.32
N PRO C 334 -2.01 -10.30 -0.10
CA PRO C 334 -1.96 -9.47 1.11
C PRO C 334 -0.70 -8.69 1.36
N VAL C 335 -0.80 -7.37 1.35
CA VAL C 335 0.33 -6.51 1.66
C VAL C 335 0.15 -6.12 3.12
N VAL C 336 1.19 -6.18 3.92
CA VAL C 336 1.04 -5.82 5.32
C VAL C 336 1.88 -4.61 5.61
N GLU C 337 1.22 -3.46 5.54
CA GLU C 337 1.85 -2.16 5.73
C GLU C 337 2.30 -1.81 7.14
N SER C 338 1.46 -2.10 8.12
CA SER C 338 1.79 -1.73 9.50
C SER C 338 1.54 -2.87 10.46
N LEU C 339 2.42 -3.02 11.44
CA LEU C 339 2.26 -4.11 12.39
C LEU C 339 2.44 -3.62 13.81
N GLN C 340 1.35 -3.26 14.48
CA GLN C 340 1.44 -2.74 15.83
C GLN C 340 1.20 -3.78 16.92
N LEU C 341 1.82 -3.60 18.08
CA LEU C 341 1.62 -4.54 19.18
C LEU C 341 0.42 -3.99 19.96
N ASN C 342 -0.36 -4.83 20.64
CA ASN C 342 -1.52 -4.32 21.39
C ASN C 342 -1.58 -4.84 22.81
N GLY C 343 -0.97 -4.16 23.74
CA GLY C 343 -1.04 -4.68 25.10
C GLY C 343 0.22 -5.47 25.25
N GLY C 344 0.34 -6.25 26.32
CA GLY C 344 1.57 -7.01 26.50
C GLY C 344 1.45 -8.20 27.44
N GLY C 345 2.48 -9.03 27.48
CA GLY C 345 2.48 -10.20 28.34
C GLY C 345 1.37 -11.23 28.10
N ASP C 346 0.69 -11.62 29.17
CA ASP C 346 -0.39 -12.61 29.12
C ASP C 346 -1.47 -12.34 28.08
N VAL C 347 -1.53 -11.13 27.52
CA VAL C 347 -2.60 -10.83 26.58
C VAL C 347 -2.17 -10.28 25.23
N ALA C 348 -0.87 -10.08 25.03
CA ALA C 348 -0.39 -9.53 23.79
C ALA C 348 -1.24 -9.94 22.59
N MET C 349 -1.51 -8.98 21.73
CA MET C 349 -2.25 -9.22 20.51
C MET C 349 -1.55 -8.38 19.45
N LEU C 350 -1.87 -8.57 18.18
CA LEU C 350 -1.18 -7.82 17.16
C LEU C 350 -2.16 -7.25 16.17
N GLU C 351 -2.13 -5.95 15.91
CA GLU C 351 -3.05 -5.45 14.92
C GLU C 351 -2.26 -5.33 13.63
N LEU C 352 -2.81 -5.88 12.56
CA LEU C 352 -2.14 -5.77 11.29
C LEU C 352 -2.98 -4.92 10.38
N THR C 353 -2.32 -4.02 9.66
CA THR C 353 -3.04 -3.20 8.70
C THR C 353 -2.32 -3.30 7.39
N GLY C 354 -3.07 -3.31 6.31
CA GLY C 354 -2.47 -3.41 4.99
C GLY C 354 -3.58 -3.38 3.98
N GLN C 355 -3.48 -4.18 2.93
CA GLN C 355 -4.53 -4.21 1.92
C GLN C 355 -4.86 -5.64 1.51
N ASN C 356 -6.08 -5.80 1.02
CA ASN C 356 -6.56 -7.08 0.53
C ASN C 356 -6.55 -8.23 1.50
N PHE C 357 -6.80 -7.99 2.78
CA PHE C 357 -6.85 -9.11 3.72
C PHE C 357 -8.16 -9.82 3.45
N THR C 358 -8.25 -11.05 3.91
CA THR C 358 -9.45 -11.88 3.70
C THR C 358 -9.64 -12.89 4.81
N PRO C 359 -10.88 -13.09 5.22
CA PRO C 359 -11.29 -14.01 6.28
C PRO C 359 -10.58 -15.35 6.31
N ASN C 360 -9.95 -15.74 5.21
CA ASN C 360 -9.27 -17.03 5.18
C ASN C 360 -7.76 -17.00 5.33
N LEU C 361 -7.21 -16.18 6.23
CA LEU C 361 -5.76 -16.16 6.45
C LEU C 361 -5.53 -16.24 7.95
N ARG C 362 -4.42 -16.82 8.34
CA ARG C 362 -4.04 -16.91 9.74
C ARG C 362 -2.64 -16.33 9.68
N VAL C 363 -2.13 -15.72 10.73
CA VAL C 363 -0.79 -15.20 10.57
C VAL C 363 0.07 -16.16 11.34
N TRP C 364 1.24 -16.48 10.79
CA TRP C 364 2.15 -17.41 11.44
C TRP C 364 3.37 -16.70 11.99
N PHE C 365 3.74 -17.05 13.22
CA PHE C 365 4.91 -16.48 13.85
C PHE C 365 5.97 -17.55 13.67
N GLY C 366 6.80 -17.40 12.65
CA GLY C 366 7.80 -18.41 12.44
C GLY C 366 6.99 -19.61 12.01
N ASP C 367 7.24 -20.77 12.61
CA ASP C 367 6.48 -21.97 12.23
C ASP C 367 5.24 -22.16 13.09
N VAL C 368 4.84 -21.14 13.87
CA VAL C 368 3.64 -21.29 14.69
C VAL C 368 2.46 -20.52 14.15
N GLU C 369 1.33 -21.22 14.06
CA GLU C 369 0.11 -20.61 13.56
C GLU C 369 -0.55 -20.01 14.77
N ALA C 370 -0.88 -18.72 14.67
CA ALA C 370 -1.52 -18.00 15.77
C ALA C 370 -2.97 -17.72 15.42
N GLU C 371 -3.84 -17.73 16.43
CA GLU C 371 -5.25 -17.45 16.21
C GLU C 371 -5.37 -16.11 15.51
N THR C 372 -6.26 -16.01 14.54
CA THR C 372 -6.36 -14.77 13.83
C THR C 372 -7.77 -14.29 13.62
N MET C 373 -8.04 -13.04 13.99
CA MET C 373 -9.34 -12.45 13.78
C MET C 373 -9.33 -11.43 12.65
N TYR C 374 -10.17 -11.67 11.67
CA TYR C 374 -10.30 -10.78 10.54
C TYR C 374 -11.16 -9.57 10.92
N ARG C 375 -10.63 -8.36 10.77
CA ARG C 375 -11.45 -7.21 11.09
C ARG C 375 -12.04 -6.80 9.76
N CYS C 376 -11.16 -6.46 8.81
CA CYS C 376 -11.65 -6.09 7.48
C CYS C 376 -10.55 -6.13 6.42
N GLY C 377 -10.91 -5.80 5.19
CA GLY C 377 -9.94 -5.77 4.12
C GLY C 377 -8.60 -5.19 4.54
N GLU C 378 -8.59 -4.05 5.24
CA GLU C 378 -7.36 -3.41 5.66
C GLU C 378 -6.87 -3.65 7.10
N SER C 379 -7.67 -4.30 7.94
CA SER C 379 -7.24 -4.53 9.32
C SER C 379 -7.45 -5.98 9.70
N MET C 380 -6.57 -6.53 10.51
CA MET C 380 -6.69 -7.92 10.95
C MET C 380 -5.99 -8.02 12.32
N LEU C 381 -6.51 -8.84 13.23
CA LEU C 381 -5.90 -8.99 14.56
C LEU C 381 -5.45 -10.42 14.75
N CYS C 382 -4.45 -10.66 15.57
CA CYS C 382 -4.04 -12.05 15.84
C CYS C 382 -3.47 -12.12 17.26
N VAL C 383 -3.37 -13.33 17.79
CA VAL C 383 -2.89 -13.50 19.14
C VAL C 383 -1.46 -13.97 19.30
N VAL C 384 -0.60 -13.13 19.85
CA VAL C 384 0.78 -13.56 20.01
C VAL C 384 0.80 -14.82 20.84
N PRO C 385 1.41 -15.90 20.30
CA PRO C 385 1.57 -17.24 20.89
C PRO C 385 2.53 -17.25 22.04
N ASP C 386 2.20 -18.02 23.08
CA ASP C 386 3.06 -18.06 24.26
C ASP C 386 4.52 -18.29 23.91
N ILE C 387 5.44 -17.53 24.51
CA ILE C 387 6.88 -17.69 24.27
C ILE C 387 7.29 -19.18 24.41
N SER C 388 6.53 -19.92 25.20
CA SER C 388 6.80 -21.34 25.43
C SER C 388 6.85 -22.09 24.11
N ALA C 389 5.96 -21.73 23.19
CA ALA C 389 5.90 -22.38 21.90
C ALA C 389 7.19 -22.19 21.11
N PHE C 390 8.19 -21.54 21.69
CA PHE C 390 9.44 -21.34 20.98
C PHE C 390 10.65 -21.68 21.84
N ARG C 391 10.42 -21.93 23.12
CA ARG C 391 11.50 -22.26 24.05
C ARG C 391 10.98 -23.15 25.18
N GLU C 392 11.26 -24.43 25.09
CA GLU C 392 10.79 -25.39 26.06
C GLU C 392 10.45 -24.94 27.46
N GLY C 393 11.45 -24.55 28.25
CA GLY C 393 11.15 -24.17 29.63
C GLY C 393 10.29 -22.94 29.80
N TRP C 394 10.90 -21.82 29.47
CA TRP C 394 10.34 -20.48 29.50
C TRP C 394 8.88 -20.25 29.86
N ARG C 395 8.67 -19.58 30.99
CA ARG C 395 7.32 -19.24 31.44
C ARG C 395 7.20 -17.71 31.30
N TRP C 396 8.33 -17.10 30.93
CA TRP C 396 8.48 -15.66 30.70
C TRP C 396 9.65 -15.52 29.75
N VAL C 397 9.80 -14.40 29.07
CA VAL C 397 10.89 -14.30 28.10
C VAL C 397 12.32 -14.14 28.62
N ARG C 398 12.99 -15.26 28.86
CA ARG C 398 14.36 -15.21 29.35
C ARG C 398 15.34 -14.43 28.48
N GLN C 399 15.07 -14.32 27.19
CA GLN C 399 16.00 -13.62 26.30
C GLN C 399 15.30 -13.28 24.98
N PRO C 400 15.76 -12.24 24.26
CA PRO C 400 15.09 -11.90 23.00
C PRO C 400 15.10 -13.04 21.99
N VAL C 401 13.90 -13.35 21.48
CA VAL C 401 13.71 -14.41 20.50
C VAL C 401 12.92 -13.81 19.34
N GLN C 402 13.56 -13.59 18.22
CA GLN C 402 12.87 -12.99 17.09
C GLN C 402 12.47 -13.99 16.03
N VAL C 403 11.17 -14.19 15.88
CA VAL C 403 10.63 -15.12 14.87
C VAL C 403 10.07 -14.25 13.75
N PRO C 404 9.79 -14.82 12.58
CA PRO C 404 9.25 -13.95 11.54
C PRO C 404 7.75 -14.07 11.38
N VAL C 405 7.13 -12.96 10.98
CA VAL C 405 5.70 -12.92 10.77
C VAL C 405 5.40 -13.21 9.33
N THR C 406 4.31 -13.91 9.10
CA THR C 406 3.96 -14.24 7.73
C THR C 406 2.49 -14.66 7.59
N LEU C 407 1.86 -14.24 6.50
CA LEU C 407 0.46 -14.57 6.28
C LEU C 407 0.33 -15.86 5.46
N VAL C 408 -0.67 -16.66 5.79
CA VAL C 408 -0.88 -17.92 5.10
C VAL C 408 -2.32 -18.21 4.79
N ARG C 409 -2.67 -18.35 3.52
CA ARG C 409 -4.06 -18.66 3.18
C ARG C 409 -4.47 -20.05 3.65
N ASN C 410 -5.75 -20.39 3.52
CA ASN C 410 -6.16 -21.70 4.02
C ASN C 410 -5.85 -22.90 3.16
N ASP C 411 -5.61 -22.65 1.88
CA ASP C 411 -5.31 -23.73 0.97
C ASP C 411 -3.82 -23.93 0.84
N GLY C 412 -3.05 -23.23 1.65
CA GLY C 412 -1.61 -23.41 1.61
C GLY C 412 -0.74 -22.34 1.01
N ILE C 413 -1.28 -21.48 0.16
CA ILE C 413 -0.46 -20.42 -0.41
C ILE C 413 0.17 -19.69 0.73
N ILE C 414 1.43 -19.30 0.64
CA ILE C 414 1.96 -18.55 1.75
C ILE C 414 2.49 -17.24 1.18
N TYR C 415 2.02 -16.14 1.76
CA TYR C 415 2.44 -14.79 1.34
C TYR C 415 3.44 -14.25 2.35
N SER C 416 4.67 -14.05 1.90
CA SER C 416 5.73 -13.56 2.79
C SER C 416 5.51 -12.10 3.02
N THR C 417 6.04 -11.61 4.14
CA THR C 417 5.92 -10.21 4.51
C THR C 417 7.27 -9.56 4.49
N SER C 418 7.91 -9.51 5.65
CA SER C 418 9.21 -8.87 5.77
C SER C 418 9.33 -8.49 7.24
N LEU C 419 8.19 -8.36 7.89
CA LEU C 419 8.11 -8.00 9.29
C LEU C 419 8.63 -9.12 10.16
N THR C 420 8.92 -8.85 11.42
CA THR C 420 9.48 -9.86 12.30
C THR C 420 9.19 -9.63 13.76
N PHE C 421 8.11 -10.19 14.27
CA PHE C 421 7.80 -10.02 15.69
C PHE C 421 8.91 -10.52 16.60
N THR C 422 9.34 -9.71 17.57
CA THR C 422 10.41 -10.12 18.46
C THR C 422 9.95 -10.22 19.90
N TYR C 423 10.06 -11.38 20.51
CA TYR C 423 9.65 -11.50 21.90
C TYR C 423 10.67 -10.75 22.73
N THR C 424 10.22 -10.02 23.74
CA THR C 424 11.10 -9.26 24.63
C THR C 424 10.61 -9.37 26.06
N PRO C 425 11.55 -9.36 27.03
CA PRO C 425 11.21 -9.46 28.45
C PRO C 425 10.25 -8.36 28.86
N GLU C 426 9.24 -8.72 29.65
CA GLU C 426 8.26 -7.73 30.12
C GLU C 426 8.93 -6.97 31.26
N PRO C 427 9.29 -5.70 31.03
CA PRO C 427 9.95 -4.90 32.08
C PRO C 427 9.04 -4.70 33.30
N THR D 13 14.76 3.63 32.90
CA THR D 13 14.52 2.16 33.00
C THR D 13 14.13 1.72 34.41
N PRO D 14 14.76 2.29 35.46
CA PRO D 14 14.42 1.90 36.83
C PRO D 14 13.00 2.28 37.23
N LEU D 15 12.57 3.47 36.84
CA LEU D 15 11.22 3.97 37.14
C LEU D 15 10.22 3.18 36.30
N MET D 16 10.63 2.86 35.09
CA MET D 16 9.82 2.14 34.13
C MET D 16 9.46 0.72 34.59
N ILE D 17 10.41 0.03 35.22
CA ILE D 17 10.19 -1.33 35.72
C ILE D 17 9.10 -1.40 36.78
N ALA D 18 9.04 -0.40 37.64
CA ALA D 18 8.03 -0.37 38.70
C ALA D 18 6.64 -0.13 38.11
N SER D 19 6.55 0.82 37.19
CA SER D 19 5.30 1.18 36.54
C SER D 19 4.76 0.12 35.55
N CYS D 20 5.64 -0.43 34.74
CA CYS D 20 5.28 -1.41 33.72
C CYS D 20 4.86 -2.81 34.20
N SER D 21 5.45 -3.30 35.29
CA SER D 21 5.13 -4.63 35.79
C SER D 21 3.66 -4.77 36.14
N ALA D 38 4.49 2.61 45.87
CA ALA D 38 5.66 2.96 46.66
C ALA D 38 6.91 3.08 45.79
N VAL D 39 7.02 2.20 44.80
CA VAL D 39 8.17 2.19 43.90
C VAL D 39 8.18 3.36 42.90
N ILE D 40 7.02 3.67 42.34
CA ILE D 40 6.93 4.77 41.37
C ILE D 40 7.17 6.11 42.07
N SER D 41 6.59 6.27 43.26
CA SER D 41 6.70 7.48 44.06
C SER D 41 8.09 7.75 44.65
N ASP D 42 8.75 6.72 45.16
CA ASP D 42 10.08 6.87 45.78
C ASP D 42 11.18 7.30 44.80
N PHE D 43 11.20 6.71 43.60
CA PHE D 43 12.20 7.07 42.61
C PHE D 43 12.00 8.52 42.18
N ILE D 44 10.73 8.91 42.08
CA ILE D 44 10.35 10.27 41.69
C ILE D 44 10.53 11.24 42.86
N TYR D 45 9.88 10.91 43.98
CA TYR D 45 9.88 11.72 45.20
C TYR D 45 9.43 13.16 44.93
N SER D 49 15.01 10.65 36.53
CA SER D 49 14.51 10.44 35.17
C SER D 49 12.99 10.35 35.15
N LEU D 50 12.40 10.36 33.95
CA LEU D 50 10.95 10.29 33.80
C LEU D 50 10.54 10.11 32.32
N HIS D 51 10.77 11.14 31.53
CA HIS D 51 10.43 11.14 30.10
C HIS D 51 11.49 10.44 29.25
N ASN D 52 11.95 9.27 29.70
CA ASN D 52 12.95 8.51 28.97
C ASN D 52 12.33 7.50 28.02
N GLN D 53 12.70 7.62 26.74
CA GLN D 53 12.20 6.73 25.71
C GLN D 53 13.09 5.52 25.50
N THR D 54 12.47 4.36 25.25
CA THR D 54 13.20 3.13 25.01
C THR D 54 13.83 3.18 23.62
N ASP D 55 14.77 2.27 23.35
CA ASP D 55 15.45 2.24 22.05
C ASP D 55 14.67 1.49 20.98
N ARG D 56 14.07 0.36 21.35
CA ARG D 56 13.32 -0.43 20.39
C ARG D 56 11.95 0.16 20.02
N THR D 57 11.09 0.37 21.03
CA THR D 57 9.76 0.92 20.81
C THR D 57 9.67 2.43 20.91
N GLY D 58 10.46 3.01 21.82
CA GLY D 58 10.45 4.46 21.99
C GLY D 58 9.33 4.93 22.89
N GLU D 59 8.82 4.01 23.70
CA GLU D 59 7.73 4.30 24.62
C GLU D 59 8.29 4.85 25.91
N THR D 60 7.51 5.68 26.60
CA THR D 60 7.93 6.26 27.87
C THR D 60 7.30 5.42 28.96
N ALA D 61 7.60 5.74 30.22
CA ALA D 61 7.04 4.98 31.31
C ALA D 61 5.53 5.07 31.25
N LEU D 62 5.01 6.24 30.90
CA LEU D 62 3.56 6.38 30.83
C LEU D 62 3.00 5.41 29.79
N HIS D 63 3.70 5.26 28.65
CA HIS D 63 3.23 4.36 27.60
C HIS D 63 3.14 2.92 28.11
N LEU D 64 4.15 2.48 28.84
CA LEU D 64 4.15 1.11 29.32
C LEU D 64 3.06 0.91 30.32
N ALA D 65 2.85 1.92 31.16
CA ALA D 65 1.83 1.85 32.18
C ALA D 65 0.50 1.69 31.47
N ALA D 66 0.37 2.37 30.34
CA ALA D 66 -0.85 2.26 29.59
C ALA D 66 -0.98 0.89 28.95
N ARG D 67 0.10 0.40 28.34
CA ARG D 67 0.05 -0.88 27.65
C ARG D 67 -0.16 -2.04 28.56
N TYR D 68 0.64 -2.15 29.60
CA TYR D 68 0.45 -3.26 30.50
C TYR D 68 -0.73 -2.95 31.41
N SER D 69 -1.46 -1.90 31.03
CA SER D 69 -2.63 -1.49 31.76
C SER D 69 -2.43 -1.43 33.29
N ARG D 70 -1.35 -0.76 33.73
CA ARG D 70 -1.09 -0.62 35.17
C ARG D 70 -1.60 0.76 35.54
N SER D 71 -2.83 0.81 36.08
CA SER D 71 -3.53 2.04 36.44
C SER D 71 -2.88 2.93 37.49
N ASP D 72 -2.40 2.32 38.56
CA ASP D 72 -1.78 3.11 39.61
C ASP D 72 -0.55 3.81 39.08
N ALA D 73 0.25 3.08 38.32
CA ALA D 73 1.48 3.63 37.78
C ALA D 73 1.24 4.83 36.87
N ALA D 74 0.18 4.76 36.08
CA ALA D 74 -0.09 5.86 35.18
C ALA D 74 -0.51 7.08 35.96
N LYS D 75 -1.26 6.87 37.04
CA LYS D 75 -1.72 8.00 37.84
C LYS D 75 -0.53 8.69 38.46
N ARG D 76 0.38 7.90 39.01
CA ARG D 76 1.56 8.48 39.65
C ARG D 76 2.39 9.27 38.65
N LEU D 77 2.60 8.70 37.47
CA LEU D 77 3.40 9.37 36.47
C LEU D 77 2.77 10.67 36.06
N LEU D 78 1.47 10.69 35.96
CA LEU D 78 0.79 11.91 35.60
C LEU D 78 0.87 12.94 36.73
N GLU D 79 0.62 12.48 37.96
CA GLU D 79 0.66 13.32 39.14
C GLU D 79 1.92 14.16 39.08
N ALA D 80 3.06 13.49 38.95
CA ALA D 80 4.34 14.15 38.86
C ALA D 80 4.53 14.79 37.48
N SER D 81 3.60 15.67 37.13
CA SER D 81 3.61 16.40 35.86
C SER D 81 4.36 15.70 34.73
N ALA D 82 3.80 14.62 34.21
CA ALA D 82 4.44 13.91 33.11
C ALA D 82 3.77 14.39 31.83
N ASP D 83 4.45 14.23 30.70
CA ASP D 83 3.86 14.64 29.43
C ASP D 83 3.07 13.45 28.91
N ALA D 84 1.77 13.65 28.72
CA ALA D 84 0.92 12.57 28.28
C ALA D 84 0.79 12.53 26.79
N ASN D 85 1.64 13.26 26.09
CA ASN D 85 1.54 13.25 24.64
C ASN D 85 2.82 12.89 23.89
N ILE D 86 3.78 12.29 24.58
CA ILE D 86 5.02 11.91 23.92
C ILE D 86 4.72 10.76 22.97
N GLN D 87 5.20 10.88 21.75
CA GLN D 87 4.98 9.85 20.76
C GLN D 87 6.07 8.79 20.80
N ASP D 88 5.70 7.54 20.61
CA ASP D 88 6.69 6.48 20.59
C ASP D 88 7.09 6.34 19.13
N ASN D 89 7.90 5.33 18.81
CA ASN D 89 8.36 5.16 17.44
C ASN D 89 7.34 5.09 16.32
N MET D 90 6.08 4.74 16.63
CA MET D 90 5.08 4.69 15.59
C MET D 90 4.08 5.85 15.65
N GLY D 91 4.30 6.75 16.61
CA GLY D 91 3.43 7.91 16.71
C GLY D 91 2.37 7.82 17.77
N ARG D 92 2.26 6.66 18.41
CA ARG D 92 1.25 6.49 19.42
C ARG D 92 1.62 7.11 20.75
N THR D 93 0.63 7.73 21.38
CA THR D 93 0.81 8.38 22.66
C THR D 93 0.25 7.36 23.65
N PRO D 94 0.36 7.64 24.94
CA PRO D 94 -0.17 6.64 25.88
C PRO D 94 -1.64 6.42 25.68
N LEU D 95 -2.39 7.44 25.32
CA LEU D 95 -3.81 7.22 25.12
C LEU D 95 -4.01 6.19 24.02
N HIS D 96 -3.24 6.26 22.92
CA HIS D 96 -3.42 5.26 21.86
C HIS D 96 -3.10 3.90 22.43
N ALA D 97 -2.03 3.84 23.17
CA ALA D 97 -1.64 2.58 23.72
C ALA D 97 -2.78 2.11 24.60
N ALA D 98 -3.43 3.03 25.30
CA ALA D 98 -4.51 2.69 26.19
C ALA D 98 -5.68 2.04 25.46
N VAL D 99 -6.07 2.58 24.33
CA VAL D 99 -7.20 1.97 23.64
C VAL D 99 -6.81 0.62 23.06
N SER D 100 -5.64 0.57 22.44
CA SER D 100 -5.18 -0.67 21.84
C SER D 100 -5.15 -1.80 22.83
N ALA D 101 -4.70 -1.53 24.05
CA ALA D 101 -4.62 -2.58 25.05
C ALA D 101 -5.92 -2.73 25.86
N ASP D 102 -6.95 -1.98 25.46
CA ASP D 102 -8.25 -1.98 26.15
C ASP D 102 -8.02 -1.92 27.66
N ALA D 103 -7.33 -0.87 28.11
CA ALA D 103 -7.04 -0.68 29.52
C ALA D 103 -8.04 0.34 30.00
N GLN D 104 -9.16 -0.10 30.57
CA GLN D 104 -10.16 0.87 30.95
C GLN D 104 -9.63 1.86 31.96
N GLY D 105 -8.91 1.42 32.98
CA GLY D 105 -8.48 2.40 33.96
C GLY D 105 -7.50 3.46 33.52
N VAL D 106 -6.47 3.07 32.78
CA VAL D 106 -5.51 4.03 32.29
C VAL D 106 -6.20 4.95 31.30
N PHE D 107 -7.15 4.38 30.57
CA PHE D 107 -7.90 5.16 29.59
C PHE D 107 -8.72 6.23 30.27
N GLN D 108 -9.40 5.88 31.36
CA GLN D 108 -10.22 6.88 32.05
C GLN D 108 -9.30 7.96 32.53
N ILE D 109 -8.18 7.54 33.09
CA ILE D 109 -7.23 8.47 33.65
C ILE D 109 -6.72 9.43 32.60
N LEU D 110 -6.38 8.93 31.42
CA LEU D 110 -5.88 9.83 30.41
C LEU D 110 -6.94 10.76 29.87
N ILE D 111 -8.15 10.27 29.64
CA ILE D 111 -9.18 11.19 29.16
C ILE D 111 -9.62 12.17 30.22
N ARG D 112 -9.64 11.72 31.46
CA ARG D 112 -10.04 12.61 32.54
C ARG D 112 -8.97 13.70 32.69
N ASN D 113 -7.74 13.42 32.25
CA ASN D 113 -6.64 14.39 32.28
C ASN D 113 -6.87 15.48 31.22
N ARG D 114 -6.70 16.75 31.60
CA ARG D 114 -6.94 17.85 30.68
C ARG D 114 -5.91 18.03 29.56
N ALA D 115 -4.64 17.93 29.94
CA ALA D 115 -3.53 18.11 28.99
C ALA D 115 -3.62 17.19 27.78
N THR D 116 -4.02 15.94 28.05
CA THR D 116 -4.16 14.84 27.10
C THR D 116 -4.82 15.15 25.78
N ASP D 117 -4.08 14.99 24.70
CA ASP D 117 -4.65 15.25 23.39
C ASP D 117 -5.51 14.07 22.96
N LEU D 118 -6.82 14.28 22.85
CA LEU D 118 -7.69 13.18 22.43
C LEU D 118 -7.66 12.92 20.94
N ASP D 119 -7.22 13.89 20.17
CA ASP D 119 -7.18 13.70 18.74
C ASP D 119 -5.76 13.46 18.29
N ALA D 120 -4.99 12.84 19.19
CA ALA D 120 -3.58 12.52 18.93
C ALA D 120 -3.41 11.79 17.61
N ARG D 121 -2.21 11.77 17.07
CA ARG D 121 -2.04 11.08 15.81
C ARG D 121 -0.81 10.23 15.64
N MET D 122 -1.02 9.01 15.13
CA MET D 122 0.07 8.09 14.89
C MET D 122 0.70 8.53 13.58
N HIS D 123 1.83 7.95 13.23
CA HIS D 123 2.50 8.34 12.00
C HIS D 123 1.62 8.13 10.77
N ASP D 124 0.76 7.13 10.84
CA ASP D 124 -0.14 6.82 9.73
C ASP D 124 -1.44 7.61 9.82
N GLY D 125 -1.52 8.52 10.78
CA GLY D 125 -2.71 9.34 10.91
C GLY D 125 -3.81 8.80 11.80
N THR D 126 -3.63 7.58 12.30
CA THR D 126 -4.62 6.94 13.14
C THR D 126 -4.81 7.73 14.42
N THR D 127 -6.06 7.78 14.88
CA THR D 127 -6.44 8.49 16.10
C THR D 127 -7.09 7.57 17.11
N PRO D 128 -7.09 7.97 18.39
CA PRO D 128 -7.70 7.12 19.41
C PRO D 128 -9.16 6.87 19.13
N LEU D 129 -9.85 7.87 18.58
CA LEU D 129 -11.27 7.67 18.28
C LEU D 129 -11.37 6.53 17.30
N ILE D 130 -10.44 6.47 16.34
CA ILE D 130 -10.48 5.38 15.37
C ILE D 130 -10.13 4.03 15.96
N LEU D 131 -9.11 3.95 16.78
CA LEU D 131 -8.79 2.62 17.27
C LEU D 131 -10.03 2.17 18.03
N ALA D 132 -10.72 3.11 18.68
CA ALA D 132 -11.87 2.76 19.47
C ALA D 132 -12.90 2.12 18.55
N ALA D 133 -13.05 2.62 17.33
CA ALA D 133 -14.02 2.04 16.42
C ALA D 133 -13.65 0.65 15.92
N ARG D 134 -12.37 0.49 15.61
CA ARG D 134 -11.78 -0.72 15.06
C ARG D 134 -11.63 -1.96 15.89
N LEU D 135 -11.16 -1.79 17.13
CA LEU D 135 -10.86 -2.95 17.97
C LEU D 135 -11.99 -3.53 18.77
N ALA D 136 -13.19 -3.03 18.51
CA ALA D 136 -14.39 -3.51 19.20
C ALA D 136 -14.21 -3.46 20.71
N VAL D 137 -13.86 -2.28 21.20
CA VAL D 137 -13.65 -2.08 22.63
C VAL D 137 -14.90 -1.44 23.19
N GLU D 138 -15.36 -1.95 24.33
CA GLU D 138 -16.58 -1.45 24.94
C GLU D 138 -16.51 -0.04 25.48
N GLY D 139 -17.39 0.82 24.95
CA GLY D 139 -17.52 2.19 25.41
C GLY D 139 -16.46 3.26 25.25
N MET D 140 -15.20 2.93 25.03
CA MET D 140 -14.20 3.98 24.92
C MET D 140 -14.58 4.89 23.74
N LEU D 141 -15.17 4.35 22.68
CA LEU D 141 -15.47 5.27 21.62
C LEU D 141 -16.42 6.35 22.11
N GLU D 142 -17.47 6.01 22.83
CA GLU D 142 -18.38 7.07 23.28
C GLU D 142 -17.77 7.94 24.34
N ASP D 143 -16.96 7.38 25.23
CA ASP D 143 -16.38 8.21 26.26
C ASP D 143 -15.56 9.27 25.55
N LEU D 144 -14.79 8.86 24.53
CA LEU D 144 -13.99 9.83 23.79
C LEU D 144 -14.88 10.85 23.14
N ILE D 145 -16.00 10.42 22.59
CA ILE D 145 -16.86 11.35 21.93
C ILE D 145 -17.38 12.35 22.94
N ASN D 146 -17.94 11.83 24.04
CA ASN D 146 -18.50 12.68 25.09
C ASN D 146 -17.48 13.66 25.62
N SER D 147 -16.24 13.22 25.76
CA SER D 147 -15.18 14.09 26.23
C SER D 147 -14.71 14.99 25.09
N HIS D 148 -15.59 15.23 24.12
CA HIS D 148 -15.30 16.09 22.99
C HIS D 148 -14.13 15.81 22.05
N ALA D 149 -14.02 14.60 21.52
CA ALA D 149 -12.95 14.31 20.59
C ALA D 149 -13.51 14.70 19.24
N ASP D 150 -12.66 14.95 18.26
CA ASP D 150 -13.19 15.34 16.95
C ASP D 150 -13.69 14.08 16.28
N VAL D 151 -14.92 14.06 15.76
CA VAL D 151 -15.37 12.85 15.13
C VAL D 151 -15.05 12.75 13.64
N ASN D 152 -15.07 13.87 12.95
CA ASN D 152 -14.74 13.84 11.56
C ASN D 152 -13.23 13.95 11.28
N ALA D 153 -12.41 13.62 12.27
CA ALA D 153 -10.96 13.67 12.08
C ALA D 153 -10.73 12.47 11.18
N VAL D 154 -9.59 12.41 10.50
CA VAL D 154 -9.33 11.27 9.61
C VAL D 154 -7.90 10.77 9.62
N ASP D 155 -7.66 9.55 9.15
CA ASP D 155 -6.29 9.04 9.10
C ASP D 155 -5.62 9.51 7.84
N ASP D 156 -4.35 9.10 7.66
CA ASP D 156 -3.63 9.53 6.49
C ASP D 156 -4.28 9.05 5.20
N LEU D 157 -5.11 8.02 5.28
CA LEU D 157 -5.80 7.52 4.09
C LEU D 157 -7.09 8.29 3.93
N GLY D 158 -7.38 9.15 4.90
CA GLY D 158 -8.59 9.97 4.86
C GLY D 158 -9.86 9.28 5.33
N LYS D 159 -9.71 8.29 6.20
CA LYS D 159 -10.84 7.54 6.70
C LYS D 159 -11.30 8.00 8.08
N SER D 160 -12.56 8.41 8.18
CA SER D 160 -13.09 8.85 9.46
C SER D 160 -13.42 7.58 10.27
N ALA D 161 -13.63 7.73 11.57
CA ALA D 161 -13.97 6.59 12.41
C ALA D 161 -15.28 6.02 11.86
N LEU D 162 -16.15 6.87 11.36
CA LEU D 162 -17.35 6.31 10.80
C LEU D 162 -16.96 5.39 9.64
N HIS D 163 -15.92 5.72 8.88
CA HIS D 163 -15.54 4.82 7.76
C HIS D 163 -15.04 3.50 8.34
N TRP D 164 -14.20 3.59 9.35
CA TRP D 164 -13.71 2.38 9.92
C TRP D 164 -14.83 1.61 10.54
N ALA D 165 -15.82 2.31 11.10
CA ALA D 165 -16.94 1.65 11.74
C ALA D 165 -17.65 0.80 10.73
N ALA D 166 -17.79 1.30 9.51
CA ALA D 166 -18.46 0.55 8.47
C ALA D 166 -17.61 -0.65 7.99
N ALA D 167 -16.32 -0.42 7.78
CA ALA D 167 -15.46 -1.50 7.35
C ALA D 167 -15.62 -2.65 8.31
N VAL D 168 -15.61 -2.37 9.59
CA VAL D 168 -15.73 -3.39 10.61
C VAL D 168 -17.17 -3.76 11.01
N ASN D 169 -18.14 -3.13 10.35
CA ASN D 169 -19.54 -3.36 10.68
C ASN D 169 -19.79 -3.32 12.19
N ASN D 170 -19.41 -2.21 12.78
CA ASN D 170 -19.56 -1.95 14.20
C ASN D 170 -20.75 -1.04 14.26
N VAL D 171 -21.93 -1.61 14.28
CA VAL D 171 -23.11 -0.80 14.27
C VAL D 171 -23.27 0.15 15.42
N ASP D 172 -23.01 -0.31 16.66
CA ASP D 172 -23.26 0.62 17.75
C ASP D 172 -22.39 1.87 17.60
N ALA D 173 -21.13 1.68 17.28
CA ALA D 173 -20.22 2.79 17.09
C ALA D 173 -20.71 3.66 15.93
N ALA D 174 -21.29 3.03 14.93
CA ALA D 174 -21.76 3.82 13.82
C ALA D 174 -22.94 4.67 14.23
N VAL D 175 -23.78 4.17 15.13
CA VAL D 175 -24.90 5.00 15.50
C VAL D 175 -24.46 6.20 16.32
N VAL D 176 -23.59 5.96 17.27
CA VAL D 176 -23.11 7.01 18.12
C VAL D 176 -22.32 8.04 17.35
N LEU D 177 -21.59 7.62 16.32
CA LEU D 177 -20.82 8.58 15.57
C LEU D 177 -21.77 9.47 14.79
N LEU D 178 -22.84 8.86 14.30
CA LEU D 178 -23.83 9.58 13.55
C LEU D 178 -24.67 10.54 14.40
N LYS D 179 -25.10 10.09 15.60
CA LYS D 179 -25.90 10.93 16.50
C LYS D 179 -25.09 12.13 16.93
N ASN D 180 -23.79 11.93 17.14
CA ASN D 180 -22.92 13.04 17.51
C ASN D 180 -22.34 13.73 16.27
N GLY D 181 -23.16 13.86 15.24
CA GLY D 181 -22.80 14.56 14.02
C GLY D 181 -21.60 14.22 13.15
N ALA D 182 -21.46 12.96 12.77
CA ALA D 182 -20.38 12.56 11.89
C ALA D 182 -20.83 12.93 10.50
N ASN D 183 -19.90 12.99 9.54
CA ASN D 183 -20.31 13.29 8.17
C ASN D 183 -20.54 11.95 7.47
N LYS D 184 -21.81 11.56 7.36
CA LYS D 184 -22.14 10.30 6.75
C LYS D 184 -21.71 10.14 5.29
N ASP D 185 -21.61 11.23 4.55
CA ASP D 185 -21.23 11.11 3.17
C ASP D 185 -19.82 11.55 2.95
N MET D 186 -18.96 11.27 3.92
CA MET D 186 -17.57 11.70 3.80
C MET D 186 -16.78 10.77 2.91
N GLN D 187 -15.90 11.33 2.08
CA GLN D 187 -15.11 10.52 1.18
C GLN D 187 -13.63 10.42 1.54
N ASN D 188 -13.06 9.22 1.50
CA ASN D 188 -11.65 9.05 1.81
C ASN D 188 -10.83 9.31 0.56
N ASN D 189 -9.52 9.45 0.71
CA ASN D 189 -8.69 9.75 -0.45
C ASN D 189 -9.06 8.99 -1.72
N ARG D 190 -9.53 7.75 -1.60
CA ARG D 190 -9.92 6.97 -2.78
C ARG D 190 -11.36 7.25 -3.18
N GLU D 191 -11.95 8.30 -2.63
CA GLU D 191 -13.34 8.70 -2.91
C GLU D 191 -14.40 7.69 -2.42
N GLU D 192 -14.05 6.90 -1.42
CA GLU D 192 -14.99 5.93 -0.88
C GLU D 192 -15.77 6.54 0.29
N THR D 193 -17.09 6.38 0.28
CA THR D 193 -17.94 6.86 1.37
C THR D 193 -18.05 5.77 2.44
N PRO D 194 -18.65 6.08 3.59
CA PRO D 194 -18.73 4.97 4.53
C PRO D 194 -19.67 3.90 4.03
N LEU D 195 -20.74 4.31 3.33
CA LEU D 195 -21.69 3.31 2.84
C LEU D 195 -20.94 2.37 1.92
N PHE D 196 -20.03 2.92 1.10
CA PHE D 196 -19.24 2.12 0.18
C PHE D 196 -18.38 1.07 0.87
N LEU D 197 -17.69 1.40 1.95
CA LEU D 197 -16.87 0.37 2.58
C LEU D 197 -17.76 -0.68 3.16
N ALA D 198 -18.93 -0.30 3.65
CA ALA D 198 -19.81 -1.31 4.19
C ALA D 198 -20.27 -2.21 3.05
N ALA D 199 -20.45 -1.63 1.86
CA ALA D 199 -20.89 -2.41 0.71
C ALA D 199 -19.81 -3.38 0.26
N ARG D 200 -18.58 -2.94 0.35
CA ARG D 200 -17.51 -3.81 -0.07
C ARG D 200 -17.39 -4.99 0.89
N GLU D 201 -17.45 -4.73 2.18
CA GLU D 201 -17.29 -5.82 3.12
C GLU D 201 -18.54 -6.57 3.39
N GLY D 202 -19.66 -6.00 2.98
CA GLY D 202 -20.94 -6.66 3.24
C GLY D 202 -21.35 -6.54 4.69
N SER D 203 -21.36 -5.32 5.21
CA SER D 203 -21.76 -5.05 6.57
C SER D 203 -23.22 -4.68 6.45
N TYR D 204 -24.06 -5.68 6.46
CA TYR D 204 -25.46 -5.45 6.30
C TYR D 204 -26.06 -4.57 7.36
N GLU D 205 -25.72 -4.81 8.63
CA GLU D 205 -26.32 -3.99 9.70
C GLU D 205 -25.88 -2.52 9.68
N THR D 206 -24.60 -2.24 9.51
CA THR D 206 -24.14 -0.87 9.46
C THR D 206 -24.61 -0.22 8.17
N ALA D 207 -24.62 -1.00 7.09
CA ALA D 207 -25.04 -0.49 5.81
C ALA D 207 -26.46 0.00 5.94
N LYS D 208 -27.27 -0.78 6.64
CA LYS D 208 -28.66 -0.42 6.82
C LYS D 208 -28.77 0.87 7.62
N VAL D 209 -28.01 0.98 8.70
CA VAL D 209 -28.04 2.18 9.54
C VAL D 209 -27.67 3.41 8.74
N LEU D 210 -26.65 3.30 7.91
CA LEU D 210 -26.24 4.45 7.13
C LEU D 210 -27.35 4.83 6.16
N LEU D 211 -28.07 3.83 5.67
CA LEU D 211 -29.14 4.14 4.76
C LEU D 211 -30.22 4.79 5.57
N ASP D 212 -30.49 4.23 6.74
CA ASP D 212 -31.51 4.76 7.62
C ASP D 212 -31.32 6.26 7.76
N HIS D 213 -30.07 6.68 7.93
CA HIS D 213 -29.72 8.09 8.05
C HIS D 213 -29.56 8.84 6.73
N PHE D 214 -30.13 8.29 5.66
CA PHE D 214 -30.08 8.94 4.36
C PHE D 214 -28.71 9.15 3.77
N ALA D 215 -27.83 8.19 3.99
CA ALA D 215 -26.47 8.26 3.43
C ALA D 215 -26.65 8.34 1.92
N ASN D 216 -25.80 9.08 1.22
CA ASN D 216 -25.99 9.15 -0.22
C ASN D 216 -25.48 7.87 -0.89
N ARG D 217 -26.40 7.08 -1.44
CA ARG D 217 -26.00 5.84 -2.08
C ARG D 217 -25.55 6.00 -3.53
N ASP D 218 -25.45 7.24 -4.00
CA ASP D 218 -25.04 7.44 -5.37
C ASP D 218 -23.66 8.07 -5.52
N ILE D 219 -22.84 8.03 -4.48
CA ILE D 219 -21.50 8.62 -4.60
C ILE D 219 -20.43 7.58 -4.99
N THR D 220 -19.98 7.69 -6.24
CA THR D 220 -18.95 6.82 -6.84
C THR D 220 -17.60 6.93 -6.15
N ASP D 221 -16.77 5.89 -6.27
CA ASP D 221 -15.45 5.91 -5.66
C ASP D 221 -14.50 6.56 -6.66
N HIS D 222 -13.19 6.45 -6.50
CA HIS D 222 -12.34 7.15 -7.46
C HIS D 222 -12.38 6.61 -8.86
N MET D 223 -12.86 5.39 -9.02
CA MET D 223 -12.96 4.81 -10.34
C MET D 223 -14.42 4.73 -10.75
N ASP D 224 -15.16 5.77 -10.42
CA ASP D 224 -16.58 5.87 -10.75
C ASP D 224 -17.43 4.66 -10.40
N ARG D 225 -17.10 3.99 -9.31
CA ARG D 225 -17.84 2.82 -8.86
C ARG D 225 -18.85 3.06 -7.73
N LEU D 226 -20.10 2.70 -7.98
CA LEU D 226 -21.13 2.83 -6.97
C LEU D 226 -20.95 1.77 -5.89
N PRO D 227 -21.44 2.03 -4.69
CA PRO D 227 -21.29 1.02 -3.64
C PRO D 227 -22.05 -0.20 -4.13
N ARG D 228 -23.15 0.02 -4.84
CA ARG D 228 -23.91 -1.11 -5.33
C ARG D 228 -23.00 -1.92 -6.23
N ASP D 229 -22.14 -1.24 -6.99
CA ASP D 229 -21.27 -1.98 -7.90
C ASP D 229 -20.24 -2.78 -7.15
N ILE D 230 -19.62 -2.19 -6.15
CA ILE D 230 -18.61 -2.92 -5.39
C ILE D 230 -19.27 -4.12 -4.73
N ALA D 231 -20.53 -3.96 -4.33
CA ALA D 231 -21.29 -5.01 -3.68
C ALA D 231 -21.65 -6.15 -4.64
N GLN D 232 -22.07 -5.80 -5.84
CA GLN D 232 -22.42 -6.83 -6.81
C GLN D 232 -21.17 -7.68 -7.09
N GLU D 233 -20.04 -7.02 -7.27
CA GLU D 233 -18.80 -7.70 -7.56
C GLU D 233 -18.41 -8.69 -6.49
N ARG D 234 -18.55 -8.31 -5.23
CA ARG D 234 -18.17 -9.20 -4.15
C ARG D 234 -19.26 -10.20 -3.82
N MET D 235 -20.31 -10.19 -4.65
CA MET D 235 -21.44 -11.07 -4.47
C MET D 235 -22.05 -10.93 -3.06
N HIS D 236 -22.32 -9.69 -2.69
CA HIS D 236 -22.93 -9.36 -1.42
C HIS D 236 -24.35 -8.98 -1.78
N HIS D 237 -25.15 -10.01 -1.97
CA HIS D 237 -26.51 -9.87 -2.39
C HIS D 237 -27.43 -9.08 -1.49
N ASP D 238 -27.31 -9.21 -0.18
CA ASP D 238 -28.22 -8.43 0.67
C ASP D 238 -27.91 -6.95 0.61
N ILE D 239 -26.63 -6.57 0.68
CA ILE D 239 -26.31 -5.15 0.62
C ILE D 239 -26.84 -4.64 -0.71
N VAL D 240 -26.79 -5.48 -1.74
CA VAL D 240 -27.27 -5.00 -3.02
C VAL D 240 -28.76 -4.84 -2.94
N ARG D 241 -29.42 -5.75 -2.25
CA ARG D 241 -30.86 -5.67 -2.12
C ARG D 241 -31.19 -4.34 -1.43
N LEU D 242 -30.46 -4.02 -0.37
CA LEU D 242 -30.74 -2.80 0.34
C LEU D 242 -30.49 -1.57 -0.52
N LEU D 243 -29.39 -1.56 -1.23
CA LEU D 243 -29.09 -0.38 -2.02
C LEU D 243 -30.20 -0.17 -3.02
N ASP D 244 -30.67 -1.26 -3.59
CA ASP D 244 -31.75 -1.19 -4.56
C ASP D 244 -33.14 -0.82 -4.08
N GLU D 245 -33.52 -1.23 -2.87
CA GLU D 245 -34.88 -0.96 -2.41
C GLU D 245 -35.12 -0.42 -1.00
N TYR D 246 -34.08 -0.08 -0.26
CA TYR D 246 -34.29 0.37 1.12
C TYR D 246 -34.30 1.83 1.38
N ASN D 247 -35.40 2.33 1.94
CA ASN D 247 -35.51 3.74 2.27
C ASN D 247 -35.15 4.62 1.07
N LEU D 248 -35.99 4.60 0.05
CA LEU D 248 -35.74 5.36 -1.16
C LEU D 248 -36.38 6.75 -1.22
N VAL D 249 -36.42 7.30 -2.44
CA VAL D 249 -36.99 8.63 -2.71
C VAL D 249 -36.72 9.63 -1.59
N HIS E 5 -11.09 -8.53 39.25
CA HIS E 5 -10.41 -9.26 38.13
C HIS E 5 -11.40 -10.06 37.28
N SER E 6 -12.41 -10.63 37.91
CA SER E 6 -13.39 -11.40 37.19
C SER E 6 -14.24 -10.45 36.35
N ALA E 7 -14.49 -9.25 36.86
CA ALA E 7 -15.27 -8.25 36.14
C ALA E 7 -14.51 -7.75 34.91
N VAL E 8 -13.22 -7.47 35.07
CA VAL E 8 -12.37 -7.05 33.96
C VAL E 8 -12.14 -8.21 33.00
N MET E 9 -11.87 -9.39 33.57
CA MET E 9 -11.62 -10.59 32.78
C MET E 9 -12.86 -10.85 31.95
N GLU E 10 -14.02 -10.69 32.59
CA GLU E 10 -15.31 -10.91 31.93
C GLU E 10 -15.44 -9.95 30.75
N ARG E 11 -14.90 -8.75 30.86
CA ARG E 11 -14.99 -7.80 29.76
C ARG E 11 -14.08 -8.29 28.65
N LEU E 12 -12.97 -8.91 29.04
CA LEU E 12 -12.02 -9.42 28.08
C LEU E 12 -12.59 -10.60 27.31
N ARG E 13 -13.25 -11.53 28.02
CA ARG E 13 -13.82 -12.71 27.39
C ARG E 13 -14.83 -12.20 26.38
N ARG E 14 -15.58 -11.19 26.79
CA ARG E 14 -16.58 -10.62 25.93
C ARG E 14 -16.03 -9.99 24.66
N ARG E 15 -14.89 -9.32 24.73
CA ARG E 15 -14.35 -8.68 23.53
C ARG E 15 -13.83 -9.68 22.52
N ILE E 16 -13.09 -10.68 22.97
CA ILE E 16 -12.57 -11.63 22.03
C ILE E 16 -13.69 -12.38 21.37
N GLU E 17 -14.70 -12.75 22.15
CA GLU E 17 -15.78 -13.51 21.57
C GLU E 17 -16.42 -12.70 20.49
N LEU E 18 -16.48 -11.39 20.65
CA LEU E 18 -17.11 -10.60 19.63
C LEU E 18 -16.24 -10.60 18.37
N CYS E 19 -14.93 -10.43 18.51
CA CYS E 19 -14.04 -10.43 17.35
C CYS E 19 -14.14 -11.76 16.65
N ARG E 20 -14.12 -12.80 17.47
CA ARG E 20 -14.13 -14.18 17.05
C ARG E 20 -15.40 -14.44 16.25
N ARG E 21 -16.53 -13.96 16.72
CA ARG E 21 -17.78 -14.19 16.02
C ARG E 21 -17.85 -13.42 14.75
N HIS E 22 -17.28 -12.23 14.75
CA HIS E 22 -17.34 -11.40 13.56
C HIS E 22 -16.54 -12.04 12.46
N HIS E 23 -15.45 -12.67 12.88
CA HIS E 23 -14.56 -13.31 11.93
C HIS E 23 -15.24 -14.50 11.32
N SER E 24 -15.88 -15.28 12.19
CA SER E 24 -16.57 -16.48 11.78
C SER E 24 -17.65 -16.11 10.78
N THR E 25 -18.29 -14.98 10.96
CA THR E 25 -19.31 -14.61 10.01
C THR E 25 -18.73 -14.24 8.68
N CYS E 26 -17.67 -13.46 8.68
CA CYS E 26 -17.09 -13.03 7.41
C CYS E 26 -16.51 -14.16 6.58
N GLU E 27 -15.93 -15.15 7.25
CA GLU E 27 -15.31 -16.27 6.56
C GLU E 27 -16.40 -17.06 5.91
N ALA E 28 -17.47 -17.31 6.62
CA ALA E 28 -18.54 -18.06 6.03
C ALA E 28 -19.17 -17.24 4.93
N ARG E 29 -19.24 -15.93 5.04
CA ARG E 29 -19.85 -15.20 3.94
C ARG E 29 -18.96 -15.38 2.72
N TYR E 30 -17.66 -15.35 2.96
CA TYR E 30 -16.66 -15.46 1.90
C TYR E 30 -16.59 -16.83 1.29
N GLU E 31 -16.60 -17.87 2.10
CA GLU E 31 -16.50 -19.21 1.57
C GLU E 31 -17.76 -19.58 0.76
N ALA E 32 -18.94 -19.26 1.28
CA ALA E 32 -20.17 -19.59 0.60
C ALA E 32 -20.17 -19.03 -0.80
N VAL E 33 -19.52 -17.92 -1.02
CA VAL E 33 -19.52 -17.34 -2.34
C VAL E 33 -18.34 -17.81 -3.21
N SER E 34 -17.36 -18.48 -2.62
CA SER E 34 -16.19 -18.90 -3.38
C SER E 34 -16.49 -19.60 -4.71
N PRO E 35 -17.32 -20.66 -4.67
CA PRO E 35 -17.62 -21.36 -5.93
C PRO E 35 -18.15 -20.42 -6.99
N GLU E 36 -19.07 -19.54 -6.61
CA GLU E 36 -19.65 -18.64 -7.60
C GLU E 36 -18.55 -17.80 -8.18
N ARG E 37 -17.65 -17.32 -7.33
CA ARG E 37 -16.54 -16.47 -7.77
C ARG E 37 -15.48 -17.19 -8.58
N LEU E 38 -15.08 -18.38 -8.11
CA LEU E 38 -14.05 -19.16 -8.80
C LEU E 38 -14.48 -19.64 -10.17
N GLU E 39 -15.75 -20.01 -10.31
CA GLU E 39 -16.23 -20.48 -11.59
C GLU E 39 -16.28 -19.34 -12.59
N LEU E 40 -16.60 -18.13 -12.11
CA LEU E 40 -16.66 -16.97 -12.99
C LEU E 40 -15.26 -16.57 -13.46
N GLU E 41 -14.25 -16.74 -12.61
CA GLU E 41 -12.90 -16.38 -13.03
C GLU E 41 -12.39 -17.36 -14.07
N ARG E 42 -12.61 -18.65 -13.82
CA ARG E 42 -12.15 -19.69 -14.74
C ARG E 42 -12.77 -19.50 -16.12
N GLN E 43 -14.01 -19.03 -16.16
CA GLN E 43 -14.69 -18.81 -17.42
C GLN E 43 -13.86 -17.80 -18.22
N HIS E 44 -13.38 -16.74 -17.57
CA HIS E 44 -12.54 -15.75 -18.24
C HIS E 44 -11.18 -16.33 -18.57
N THR E 45 -10.60 -17.11 -17.67
CA THR E 45 -9.28 -17.66 -17.94
C THR E 45 -9.38 -18.51 -19.18
N PHE E 46 -10.48 -19.24 -19.30
CA PHE E 46 -10.69 -20.10 -20.45
C PHE E 46 -10.71 -19.29 -21.74
N ALA E 47 -11.42 -18.17 -21.73
CA ALA E 47 -11.52 -17.38 -22.94
C ALA E 47 -10.16 -16.92 -23.41
N LEU E 48 -9.31 -16.45 -22.51
CA LEU E 48 -8.00 -16.00 -22.94
C LEU E 48 -7.16 -17.17 -23.34
N HIS E 49 -7.20 -18.24 -22.57
CA HIS E 49 -6.38 -19.39 -22.91
C HIS E 49 -6.75 -19.92 -24.27
N GLN E 50 -8.03 -19.82 -24.61
CA GLN E 50 -8.48 -20.29 -25.92
C GLN E 50 -7.81 -19.38 -26.94
N ARG E 51 -7.83 -18.08 -26.67
CA ARG E 51 -7.24 -17.11 -27.56
C ARG E 51 -5.73 -17.24 -27.61
N CYS E 52 -5.13 -17.61 -26.49
CA CYS E 52 -3.70 -17.79 -26.42
C CYS E 52 -3.32 -18.95 -27.34
N ILE E 53 -4.20 -19.94 -27.44
CA ILE E 53 -3.96 -21.12 -28.29
C ILE E 53 -4.05 -20.81 -29.79
N GLN E 54 -5.05 -20.04 -30.18
CA GLN E 54 -5.23 -19.67 -31.57
C GLN E 54 -4.16 -18.68 -32.03
N ALA E 55 -3.71 -17.81 -31.14
CA ALA E 55 -2.66 -16.85 -31.48
C ALA E 55 -1.40 -17.62 -31.88
N LYS E 56 -1.20 -18.75 -31.24
CA LYS E 56 -0.05 -19.63 -31.51
C LYS E 56 -0.14 -20.32 -32.86
N ALA E 57 -1.35 -20.69 -33.27
CA ALA E 57 -1.61 -21.36 -34.55
C ALA E 57 -1.41 -20.44 -35.75
N LYS E 58 -1.74 -19.17 -35.55
CA LYS E 58 -1.64 -18.16 -36.60
C LYS E 58 -0.19 -18.03 -37.06
N ARG E 59 0.76 -18.20 -36.14
CA ARG E 59 2.18 -18.12 -36.46
C ARG E 59 2.64 -19.28 -37.36
#